data_6IMW
#
_entry.id   6IMW
#
_cell.length_a   92.169
_cell.length_b   117.924
_cell.length_c   93.284
_cell.angle_alpha   90.00
_cell.angle_beta   90.00
_cell.angle_gamma   90.00
#
_symmetry.space_group_name_H-M   'P 21 21 2'
#
loop_
_entity.id
_entity.type
_entity.pdbx_description
1 polymer Endo-beta-1,2-glucanase
2 branched beta-D-glucopyranose-(1-2)-beta-D-glucopyranose-(1-2)-beta-D-glucopyranose-(1-2)-beta-D-glucopyranose-(1-2)-beta-D-glucopyranose
3 branched beta-D-glucopyranose-(1-2)-beta-D-glucopyranose-(1-2)-beta-D-glucopyranose-(1-2)-beta-D-glucopyranose-(1-2)-beta-D-glucopyranose-(1-2)-beta-D-glucopyranose-(1-2)-beta-D-glucopyranose
4 non-polymer 2-acetamido-2-deoxy-beta-D-glucopyranose
5 non-polymer DI(HYDROXYETHYL)ETHER
6 water water
#
_entity_poly.entity_id   1
_entity_poly.type   'polypeptide(L)'
_entity_poly.pdbx_seq_one_letter_code
;AGIHHHHHHSSEPSCRFAHQYTQEQVLQNPSKFINDVLFWEGKFHQNNISYNSGNGMSYDGTNIDWVTGEGTVKHPFSAA
SKESLQVMLYAHAIAGSADAARFLSPNNPSAAPGIAASIMDTKLQTYLRFNETYPGFGGFLPWFTSSSQDLTPTWDWNNR
VPGLDNGELLWAVYAFIQAAENTSNKSFIDLAKKWQTWMDYTKTTAAHIFYQGEGKVCAVTDIKNQSLPVYHPEQTYACE
GTSYLNDPYQGELFTWWLQFFGGLSDADIEALWEYKRPQLVSVDYHIGNVGPITVQKGYWFSSHETWKVLEMPYYDIDII
RRVFQNAERARTCNSVVTQVPGMFASINNVTDPATGDVVGYISNAGIPSIANQTIQELDVITPYSVFPTVLFDKGVGMAW
WRNMAIGKKMQNIYGSTESTRRDGTGVSALLTWDSKVSTVNAILGGVSGLVSQKMKAENIYNTFVERIEAEYSRVFKNLK
GEHVPFCLPQETVPDTGLVDFTTCN
;
_entity_poly.pdbx_strand_id   A,B
#
loop_
_chem_comp.id
_chem_comp.type
_chem_comp.name
_chem_comp.formula
BGC D-saccharide, beta linking beta-D-glucopyranose 'C6 H12 O6'
NAG D-saccharide, beta linking 2-acetamido-2-deoxy-beta-D-glucopyranose 'C8 H15 N O6'
PEG non-polymer DI(HYDROXYETHYL)ETHER 'C4 H10 O3'
#
# COMPACT_ATOMS: atom_id res chain seq x y z
N GLU A 12 18.57 19.44 15.13
CA GLU A 12 18.73 19.56 16.62
C GLU A 12 17.50 19.03 17.37
N PRO A 13 16.26 19.45 17.06
CA PRO A 13 15.15 19.19 17.98
C PRO A 13 14.76 17.70 18.05
N SER A 14 14.33 17.26 19.24
CA SER A 14 13.79 15.92 19.43
C SER A 14 12.58 15.73 18.53
N CYS A 15 12.40 14.48 18.08
CA CYS A 15 11.25 14.09 17.30
C CYS A 15 9.95 14.43 18.02
N ARG A 16 9.90 14.15 19.33
CA ARG A 16 8.71 14.33 20.12
C ARG A 16 8.75 15.68 20.84
N PHE A 17 9.07 16.75 20.09
CA PHE A 17 9.28 18.09 20.67
C PHE A 17 7.98 18.72 21.18
N ALA A 18 6.83 18.28 20.67
CA ALA A 18 5.57 18.97 20.98
C ALA A 18 5.34 19.06 22.50
N HIS A 19 5.57 17.96 23.24
CA HIS A 19 5.31 17.96 24.70
C HIS A 19 6.50 18.50 25.51
N GLN A 20 7.61 18.85 24.82
CA GLN A 20 8.76 19.51 25.45
C GLN A 20 8.42 20.97 25.77
N TYR A 21 7.43 21.53 25.07
CA TYR A 21 6.93 22.89 25.26
C TYR A 21 5.62 22.83 26.07
N THR A 22 5.40 23.84 26.91
CA THR A 22 4.08 24.16 27.43
C THR A 22 3.35 25.01 26.39
N GLN A 23 2.02 25.11 26.51
CA GLN A 23 1.20 25.90 25.61
C GLN A 23 1.62 27.36 25.71
N GLU A 24 1.78 27.84 26.95
CA GLU A 24 2.16 29.22 27.21
C GLU A 24 3.48 29.53 26.51
N GLN A 25 4.41 28.57 26.48
CA GLN A 25 5.73 28.78 25.88
C GLN A 25 5.62 28.92 24.36
N VAL A 26 4.62 28.28 23.75
CA VAL A 26 4.39 28.39 22.30
C VAL A 26 3.94 29.83 22.00
N LEU A 27 3.06 30.37 22.86
CA LEU A 27 2.56 31.73 22.71
C LEU A 27 3.67 32.77 22.98
N GLN A 28 4.60 32.46 23.90
CA GLN A 28 5.68 33.38 24.27
C GLN A 28 6.72 33.47 23.14
N ASN A 29 6.94 32.38 22.41
CA ASN A 29 7.91 32.37 21.30
C ASN A 29 7.43 31.43 20.20
N PRO A 30 6.42 31.81 19.41
CA PRO A 30 5.94 30.98 18.30
C PRO A 30 7.06 30.55 17.34
N SER A 31 7.99 31.47 17.08
CA SER A 31 9.05 31.25 16.09
C SER A 31 9.93 30.05 16.47
N LYS A 32 10.25 29.93 17.77
CA LYS A 32 11.07 28.84 18.26
C LYS A 32 10.38 27.51 17.99
N PHE A 33 9.09 27.43 18.37
CA PHE A 33 8.28 26.25 18.19
C PHE A 33 8.21 25.91 16.69
N ILE A 34 7.88 26.92 15.88
CA ILE A 34 7.73 26.77 14.43
C ILE A 34 9.03 26.24 13.82
N ASN A 35 10.17 26.70 14.35
CA ASN A 35 11.48 26.26 13.86
C ASN A 35 11.65 24.74 14.01
N ASP A 36 11.11 24.20 15.12
CA ASP A 36 11.12 22.76 15.37
C ASP A 36 10.12 22.06 14.42
N VAL A 37 8.93 22.65 14.25
CA VAL A 37 7.89 22.12 13.39
C VAL A 37 8.44 21.95 11.96
N LEU A 38 9.03 23.00 11.40
CA LEU A 38 9.51 22.99 10.01
C LEU A 38 10.56 21.90 9.79
N PHE A 39 11.42 21.69 10.80
CA PHE A 39 12.52 20.72 10.71
C PHE A 39 11.97 19.31 10.49
N TRP A 40 10.99 18.92 11.33
CA TRP A 40 10.45 17.58 11.27
C TRP A 40 9.47 17.42 10.11
N GLU A 41 8.70 18.47 9.80
CA GLU A 41 7.82 18.46 8.61
C GLU A 41 8.64 18.21 7.34
N GLY A 42 9.86 18.78 7.30
CA GLY A 42 10.77 18.64 6.18
C GLY A 42 11.17 17.19 5.91
N LYS A 43 11.17 16.35 6.96
CA LYS A 43 11.53 14.94 6.84
C LYS A 43 10.50 14.19 5.99
N PHE A 44 9.29 14.76 5.85
CA PHE A 44 8.29 14.26 4.92
C PHE A 44 8.83 14.32 3.49
N HIS A 45 9.67 15.33 3.20
CA HIS A 45 10.20 15.55 1.85
C HIS A 45 11.34 14.58 1.56
N GLN A 46 10.97 13.34 1.20
CA GLN A 46 11.90 12.30 0.80
C GLN A 46 11.25 11.44 -0.29
N ASN A 47 12.10 10.89 -1.16
CA ASN A 47 11.69 9.95 -2.17
C ASN A 47 10.96 8.78 -1.51
N ASN A 48 9.91 8.29 -2.15
CA ASN A 48 9.08 7.17 -1.70
C ASN A 48 8.23 7.53 -0.47
N ILE A 49 8.42 8.72 0.12
CA ILE A 49 7.59 9.14 1.26
C ILE A 49 6.51 10.11 0.77
N SER A 50 6.94 11.23 0.17
CA SER A 50 6.04 12.30 -0.28
C SER A 50 6.13 12.53 -1.80
N TYR A 51 7.25 12.15 -2.43
CA TYR A 51 7.38 12.30 -3.88
C TYR A 51 8.28 11.21 -4.49
N ASN A 52 8.28 11.19 -5.81
CA ASN A 52 9.11 10.37 -6.63
C ASN A 52 10.21 11.26 -7.23
N SER A 53 11.45 11.08 -6.77
CA SER A 53 12.58 11.90 -7.20
C SER A 53 12.99 11.58 -8.64
N GLY A 54 12.54 10.44 -9.17
CA GLY A 54 12.79 10.05 -10.55
C GLY A 54 12.08 10.96 -11.54
N ASN A 55 10.81 11.30 -11.25
CA ASN A 55 9.98 12.08 -12.18
C ASN A 55 9.55 13.43 -11.57
N GLY A 56 9.93 13.66 -10.29
CA GLY A 56 9.68 14.92 -9.59
C GLY A 56 8.22 15.09 -9.17
N MET A 57 7.44 14.01 -9.19
CA MET A 57 6.01 14.06 -8.98
C MET A 57 5.69 13.70 -7.53
N SER A 58 4.70 14.40 -6.97
CA SER A 58 4.20 14.13 -5.63
C SER A 58 3.50 12.76 -5.60
N TYR A 59 3.56 12.11 -4.42
CA TYR A 59 2.60 11.10 -3.99
C TYR A 59 1.65 11.76 -2.98
N ASP A 60 0.41 11.29 -2.93
CA ASP A 60 -0.52 11.75 -1.93
C ASP A 60 0.14 11.68 -0.56
N GLY A 61 0.89 10.60 -0.30
CA GLY A 61 1.63 10.39 0.95
C GLY A 61 1.98 8.93 1.18
N THR A 62 2.02 8.52 2.45
CA THR A 62 2.34 7.14 2.78
C THR A 62 1.80 6.78 4.16
N ASN A 63 1.48 5.48 4.31
CA ASN A 63 1.22 4.85 5.59
C ASN A 63 2.54 4.75 6.35
N ILE A 64 2.45 4.78 7.68
CA ILE A 64 3.57 4.47 8.54
C ILE A 64 3.14 3.33 9.48
N ASP A 65 4.13 2.55 9.94
CA ASP A 65 3.86 1.34 10.70
C ASP A 65 3.19 1.75 12.03
N TRP A 66 2.14 1.01 12.41
CA TRP A 66 1.39 1.27 13.64
C TRP A 66 2.33 1.36 14.85
N VAL A 67 3.33 0.46 14.92
CA VAL A 67 4.22 0.35 16.07
C VAL A 67 5.43 1.28 15.90
N THR A 68 6.13 1.20 14.76
CA THR A 68 7.46 1.86 14.61
C THR A 68 7.31 3.33 14.18
N GLY A 69 6.23 3.65 13.45
CA GLY A 69 6.04 4.96 12.84
C GLY A 69 6.97 5.21 11.66
N GLU A 70 7.52 4.13 11.08
CA GLU A 70 8.35 4.21 9.88
C GLU A 70 7.48 4.02 8.64
N GLY A 71 7.87 4.65 7.53
CA GLY A 71 7.19 4.51 6.25
C GLY A 71 7.10 3.06 5.82
N THR A 72 5.89 2.65 5.40
CA THR A 72 5.60 1.27 5.01
C THR A 72 5.15 1.23 3.54
N VAL A 73 3.91 1.65 3.29
CA VAL A 73 3.22 1.53 2.00
C VAL A 73 2.73 2.94 1.60
N LYS A 74 3.31 3.43 0.49
CA LYS A 74 2.96 4.73 -0.07
C LYS A 74 1.56 4.66 -0.70
N HIS A 75 0.92 5.82 -0.83
CA HIS A 75 -0.12 6.04 -1.81
C HIS A 75 0.58 6.35 -3.14
N PRO A 76 0.42 5.52 -4.19
CA PRO A 76 1.15 5.71 -5.45
C PRO A 76 0.47 6.69 -6.43
N PHE A 77 -0.62 7.30 -5.97
CA PHE A 77 -1.40 8.26 -6.73
C PHE A 77 -1.28 9.64 -6.09
N SER A 78 -1.64 10.68 -6.86
CA SER A 78 -1.71 12.05 -6.39
C SER A 78 -2.61 12.86 -7.33
N ALA A 79 -2.58 14.19 -7.17
CA ALA A 79 -3.40 15.13 -7.96
C ALA A 79 -2.75 16.52 -7.92
N ALA A 80 -3.28 17.41 -8.78
CA ALA A 80 -2.80 18.78 -8.94
C ALA A 80 -2.87 19.54 -7.60
N SER A 81 -3.81 19.15 -6.75
CA SER A 81 -4.00 19.75 -5.43
C SER A 81 -2.75 19.57 -4.54
N LYS A 82 -2.13 18.38 -4.60
CA LYS A 82 -0.93 18.10 -3.81
C LYS A 82 0.28 18.75 -4.50
N GLU A 83 0.28 18.74 -5.84
CA GLU A 83 1.25 19.47 -6.64
C GLU A 83 1.28 20.94 -6.20
N SER A 84 0.11 21.54 -5.97
CA SER A 84 0.02 22.96 -5.58
C SER A 84 0.76 23.21 -4.25
N LEU A 85 0.56 22.30 -3.29
CA LEU A 85 1.23 22.40 -1.96
C LEU A 85 2.75 22.30 -2.10
N GLN A 86 3.21 21.40 -2.97
CA GLN A 86 4.63 21.15 -3.22
C GLN A 86 5.25 22.34 -3.96
N VAL A 87 4.53 22.83 -4.99
CA VAL A 87 5.03 23.92 -5.82
C VAL A 87 5.12 25.21 -4.98
N MET A 88 4.09 25.48 -4.15
CA MET A 88 4.08 26.65 -3.27
C MET A 88 5.30 26.63 -2.31
N LEU A 89 5.62 25.46 -1.75
CA LEU A 89 6.80 25.31 -0.91
C LEU A 89 8.06 25.68 -1.72
N TYR A 90 8.16 25.17 -2.96
CA TYR A 90 9.35 25.36 -3.79
C TYR A 90 9.48 26.83 -4.20
N ALA A 91 8.35 27.54 -4.33
CA ALA A 91 8.36 28.96 -4.64
C ALA A 91 9.09 29.73 -3.53
N HIS A 92 8.77 29.44 -2.26
CA HIS A 92 9.45 30.06 -1.11
C HIS A 92 10.91 29.63 -1.07
N ALA A 93 11.17 28.34 -1.31
CA ALA A 93 12.52 27.76 -1.28
C ALA A 93 13.45 28.47 -2.26
N ILE A 94 12.99 28.62 -3.52
CA ILE A 94 13.82 29.18 -4.60
C ILE A 94 14.01 30.69 -4.39
N ALA A 95 13.08 31.33 -3.67
CA ALA A 95 13.16 32.76 -3.33
C ALA A 95 14.18 33.01 -2.21
N GLY A 96 14.62 31.94 -1.53
CA GLY A 96 15.62 32.00 -0.48
C GLY A 96 15.02 32.16 0.91
N SER A 97 13.75 31.79 1.08
CA SER A 97 13.10 31.76 2.40
C SER A 97 13.93 30.87 3.34
N ALA A 98 14.27 31.43 4.51
CA ALA A 98 15.02 30.71 5.53
C ALA A 98 14.14 29.60 6.13
N ASP A 99 12.84 29.89 6.28
CA ASP A 99 11.88 28.93 6.84
C ASP A 99 11.71 27.75 5.86
N ALA A 100 11.59 28.03 4.57
CA ALA A 100 11.46 26.99 3.56
C ALA A 100 12.72 26.14 3.50
N ALA A 101 13.89 26.76 3.74
CA ALA A 101 15.18 26.05 3.76
C ALA A 101 15.26 25.10 4.98
N ARG A 102 14.70 25.55 6.11
CA ARG A 102 14.63 24.73 7.32
C ARG A 102 13.92 23.40 6.99
N PHE A 103 12.85 23.51 6.19
CA PHE A 103 12.09 22.37 5.70
C PHE A 103 12.89 21.57 4.67
N LEU A 104 13.40 22.24 3.64
CA LEU A 104 13.97 21.54 2.47
C LEU A 104 15.38 21.02 2.73
N SER A 105 16.18 21.77 3.51
CA SER A 105 17.63 21.60 3.53
C SER A 105 18.20 22.19 4.82
N PRO A 106 17.76 21.69 6.00
CA PRO A 106 18.10 22.33 7.27
C PRO A 106 19.61 22.37 7.56
N ASN A 107 20.32 21.33 7.14
CA ASN A 107 21.74 21.20 7.43
C ASN A 107 22.58 22.06 6.47
N ASN A 108 21.97 22.44 5.35
CA ASN A 108 22.63 23.27 4.34
C ASN A 108 21.59 24.15 3.66
N PRO A 109 21.17 25.26 4.33
CA PRO A 109 20.08 26.10 3.83
C PRO A 109 20.31 26.69 2.43
N SER A 110 21.56 27.01 2.12
CA SER A 110 21.90 27.67 0.86
C SER A 110 21.60 26.76 -0.34
N ALA A 111 21.51 25.44 -0.09
CA ALA A 111 21.20 24.44 -1.13
C ALA A 111 19.70 24.38 -1.46
N ALA A 112 18.83 24.95 -0.61
CA ALA A 112 17.36 24.78 -0.74
C ALA A 112 16.85 25.29 -2.09
N PRO A 113 17.34 26.44 -2.60
CA PRO A 113 16.93 26.92 -3.92
C PRO A 113 17.22 25.97 -5.08
N GLY A 114 18.45 25.43 -5.12
CA GLY A 114 18.88 24.50 -6.14
C GLY A 114 18.11 23.20 -6.09
N ILE A 115 17.74 22.76 -4.87
CA ILE A 115 16.92 21.56 -4.70
C ILE A 115 15.54 21.79 -5.33
N ALA A 116 14.90 22.91 -4.99
CA ALA A 116 13.60 23.27 -5.55
C ALA A 116 13.72 23.35 -7.09
N ALA A 117 14.74 24.07 -7.58
CA ALA A 117 14.96 24.26 -9.03
C ALA A 117 15.04 22.89 -9.75
N SER A 118 15.79 21.96 -9.15
CA SER A 118 16.07 20.67 -9.76
C SER A 118 14.81 19.79 -9.85
N ILE A 119 14.03 19.75 -8.76
CA ILE A 119 12.82 18.93 -8.72
C ILE A 119 11.80 19.52 -9.71
N MET A 120 11.68 20.85 -9.74
CA MET A 120 10.72 21.53 -10.60
C MET A 120 11.08 21.31 -12.08
N ASP A 121 12.37 21.19 -12.37
CA ASP A 121 12.82 20.92 -13.72
C ASP A 121 12.40 19.50 -14.10
N THR A 122 12.72 18.52 -13.25
CA THR A 122 12.37 17.12 -13.46
C THR A 122 10.85 17.02 -13.60
N LYS A 123 10.13 17.70 -12.70
CA LYS A 123 8.67 17.70 -12.66
C LYS A 123 8.10 18.20 -14.01
N LEU A 124 8.63 19.31 -14.53
CA LEU A 124 8.09 19.88 -15.77
C LEU A 124 8.19 18.84 -16.89
N GLN A 125 9.34 18.19 -16.99
CA GLN A 125 9.58 17.18 -18.03
C GLN A 125 8.47 16.12 -17.99
N THR A 126 8.13 15.66 -16.78
CA THR A 126 7.08 14.67 -16.56
C THR A 126 5.72 15.22 -17.02
N TYR A 127 5.42 16.47 -16.64
CA TYR A 127 4.17 17.16 -17.06
C TYR A 127 4.05 17.14 -18.59
N LEU A 128 5.17 17.40 -19.28
CA LEU A 128 5.20 17.53 -20.73
C LEU A 128 5.07 16.17 -21.41
N ARG A 129 5.67 15.11 -20.83
CA ARG A 129 5.51 13.74 -21.34
C ARG A 129 4.04 13.32 -21.20
N PHE A 130 3.41 13.70 -20.09
CA PHE A 130 2.01 13.36 -19.86
C PHE A 130 1.14 14.04 -20.92
N ASN A 131 1.39 15.33 -21.18
CA ASN A 131 0.62 16.12 -22.14
C ASN A 131 0.68 15.48 -23.53
N GLU A 132 1.88 15.03 -23.91
CA GLU A 132 2.14 14.43 -25.22
C GLU A 132 1.35 13.11 -25.38
N THR A 133 1.36 12.26 -24.34
CA THR A 133 0.70 10.97 -24.36
C THR A 133 -0.81 11.14 -24.20
N TYR A 134 -1.23 12.10 -23.37
CA TYR A 134 -2.66 12.34 -23.09
C TYR A 134 -3.01 13.80 -23.42
N PRO A 135 -3.00 14.18 -24.72
CA PRO A 135 -3.22 15.58 -25.10
C PRO A 135 -4.65 16.08 -24.83
N GLY A 136 -5.60 15.14 -24.67
CA GLY A 136 -7.02 15.44 -24.39
C GLY A 136 -7.25 16.21 -23.09
N PHE A 137 -6.30 16.12 -22.15
CA PHE A 137 -6.41 16.84 -20.87
C PHE A 137 -6.13 18.34 -21.07
N GLY A 138 -5.57 18.70 -22.24
CA GLY A 138 -5.31 20.08 -22.60
C GLY A 138 -4.37 20.78 -21.63
N GLY A 139 -3.40 20.04 -21.09
CA GLY A 139 -2.35 20.59 -20.22
C GLY A 139 -2.69 20.51 -18.74
N PHE A 140 -3.93 20.12 -18.41
CA PHE A 140 -4.39 19.94 -17.04
C PHE A 140 -4.08 18.51 -16.57
N LEU A 141 -4.16 18.28 -15.26
CA LEU A 141 -3.84 17.00 -14.65
C LEU A 141 -5.08 16.39 -14.01
N PRO A 142 -5.36 15.11 -14.28
CA PRO A 142 -6.36 14.37 -13.51
C PRO A 142 -5.71 13.87 -12.20
N TRP A 143 -6.42 13.05 -11.44
CA TRP A 143 -5.77 12.18 -10.47
C TRP A 143 -4.91 11.17 -11.23
N PHE A 144 -3.65 11.04 -10.83
CA PHE A 144 -2.66 10.31 -11.59
C PHE A 144 -1.89 9.33 -10.67
N THR A 145 -1.33 8.29 -11.29
CA THR A 145 -0.39 7.36 -10.68
C THR A 145 1.02 7.86 -10.98
N SER A 146 1.83 8.07 -9.94
CA SER A 146 3.15 8.70 -10.08
C SER A 146 4.29 7.76 -9.65
N SER A 147 3.96 6.48 -9.44
CA SER A 147 4.91 5.45 -8.97
C SER A 147 5.86 5.00 -10.10
N SER A 148 5.50 5.19 -11.37
CA SER A 148 6.40 4.88 -12.49
C SER A 148 6.87 6.18 -13.14
N GLN A 149 7.88 6.09 -14.00
CA GLN A 149 8.59 7.26 -14.50
C GLN A 149 7.60 8.19 -15.22
N ASP A 150 6.70 7.61 -16.02
CA ASP A 150 5.68 8.34 -16.74
C ASP A 150 4.36 8.31 -15.97
N LEU A 151 3.66 9.45 -15.95
CA LEU A 151 2.34 9.59 -15.33
C LEU A 151 1.30 8.83 -16.17
N THR A 152 0.35 8.22 -15.47
CA THR A 152 -0.88 7.73 -16.06
C THR A 152 -2.05 8.22 -15.21
N PRO A 153 -3.23 8.48 -15.81
CA PRO A 153 -4.44 8.70 -15.01
C PRO A 153 -4.66 7.46 -14.14
N THR A 154 -5.14 7.64 -12.92
CA THR A 154 -5.65 6.49 -12.16
C THR A 154 -6.83 5.96 -12.98
N TRP A 155 -7.20 4.69 -12.76
CA TRP A 155 -8.21 4.07 -13.60
C TRP A 155 -9.50 4.89 -13.52
N ASP A 156 -9.86 5.29 -12.30
CA ASP A 156 -11.06 6.07 -11.99
C ASP A 156 -11.06 7.41 -12.75
N TRP A 157 -9.89 7.91 -13.15
CA TRP A 157 -9.80 9.28 -13.68
C TRP A 157 -9.34 9.30 -15.15
N ASN A 158 -9.42 8.15 -15.83
CA ASN A 158 -9.33 8.14 -17.28
C ASN A 158 -10.43 9.04 -17.82
N ASN A 159 -10.06 10.00 -18.70
CA ASN A 159 -11.03 10.84 -19.41
C ASN A 159 -11.88 11.70 -18.45
N ARG A 160 -11.32 12.05 -17.29
CA ARG A 160 -12.01 12.90 -16.31
C ARG A 160 -10.97 13.86 -15.75
N VAL A 161 -11.33 15.14 -15.59
CA VAL A 161 -10.39 16.14 -15.11
C VAL A 161 -11.12 17.12 -14.19
N PRO A 162 -10.56 17.39 -12.98
CA PRO A 162 -11.20 18.26 -12.00
C PRO A 162 -10.68 19.70 -12.08
N GLY A 163 -11.61 20.65 -12.12
CA GLY A 163 -11.28 22.06 -12.19
C GLY A 163 -10.60 22.54 -10.92
N LEU A 164 -11.08 22.07 -9.76
CA LEU A 164 -10.69 22.62 -8.46
C LEU A 164 -9.19 22.41 -8.23
N ASP A 165 -8.74 21.14 -8.35
CA ASP A 165 -7.35 20.77 -8.09
C ASP A 165 -6.42 21.55 -9.03
N ASN A 166 -6.83 21.70 -10.29
CA ASN A 166 -6.00 22.38 -11.29
C ASN A 166 -5.93 23.89 -11.00
N GLY A 167 -7.04 24.48 -10.55
CA GLY A 167 -7.03 25.91 -10.15
C GLY A 167 -5.98 26.20 -9.10
N GLU A 168 -5.81 25.25 -8.15
CA GLU A 168 -4.83 25.34 -7.08
C GLU A 168 -3.41 25.27 -7.67
N LEU A 169 -3.17 24.30 -8.57
CA LEU A 169 -1.85 24.11 -9.16
C LEU A 169 -1.45 25.35 -9.97
N LEU A 170 -2.38 25.90 -10.74
CA LEU A 170 -2.07 26.98 -11.68
C LEU A 170 -1.54 28.23 -10.94
N TRP A 171 -2.20 28.63 -9.86
CA TRP A 171 -1.73 29.83 -9.13
C TRP A 171 -0.44 29.53 -8.36
N ALA A 172 -0.22 28.25 -7.99
CA ALA A 172 1.03 27.87 -7.34
C ALA A 172 2.19 28.07 -8.32
N VAL A 173 2.00 27.62 -9.56
CA VAL A 173 3.01 27.69 -10.63
C VAL A 173 3.27 29.17 -10.94
N TYR A 174 2.19 29.96 -11.00
CA TYR A 174 2.22 31.42 -11.18
C TYR A 174 3.17 32.04 -10.15
N ALA A 175 3.00 31.66 -8.87
CA ALA A 175 3.85 32.16 -7.78
C ALA A 175 5.29 31.72 -7.97
N PHE A 176 5.47 30.44 -8.34
CA PHE A 176 6.79 29.87 -8.47
C PHE A 176 7.58 30.62 -9.56
N ILE A 177 6.94 30.88 -10.70
CA ILE A 177 7.53 31.63 -11.82
C ILE A 177 8.06 32.97 -11.30
N GLN A 178 7.22 33.69 -10.55
CA GLN A 178 7.59 34.99 -10.00
C GLN A 178 8.79 34.85 -9.07
N ALA A 179 8.74 33.88 -8.15
CA ALA A 179 9.81 33.71 -7.16
C ALA A 179 11.14 33.44 -7.87
N ALA A 180 11.11 32.57 -8.89
CA ALA A 180 12.31 32.18 -9.64
C ALA A 180 12.89 33.40 -10.38
N GLU A 181 12.01 34.23 -10.93
CA GLU A 181 12.43 35.41 -11.69
C GLU A 181 12.98 36.49 -10.73
N ASN A 182 12.47 36.52 -9.50
CA ASN A 182 12.89 37.51 -8.49
C ASN A 182 14.34 37.28 -8.04
N THR A 183 14.91 36.10 -8.31
CA THR A 183 16.27 35.75 -7.89
C THR A 183 17.32 36.40 -8.79
N SER A 184 16.94 36.77 -10.02
CA SER A 184 17.86 37.24 -11.07
C SER A 184 18.86 36.14 -11.50
N ASN A 185 18.67 34.90 -11.05
CA ASN A 185 19.56 33.79 -11.38
C ASN A 185 19.13 33.26 -12.76
N LYS A 186 20.09 33.18 -13.69
CA LYS A 186 19.76 33.01 -15.12
C LYS A 186 19.13 31.63 -15.34
N SER A 187 19.65 30.59 -14.69
CA SER A 187 19.11 29.24 -14.87
C SER A 187 17.73 29.13 -14.19
N PHE A 188 17.52 29.84 -13.08
CA PHE A 188 16.20 29.87 -12.42
C PHE A 188 15.17 30.57 -13.33
N ILE A 189 15.58 31.63 -14.02
CA ILE A 189 14.69 32.39 -14.94
C ILE A 189 14.34 31.50 -16.15
N ASP A 190 15.35 30.80 -16.68
CA ASP A 190 15.17 29.84 -17.78
C ASP A 190 14.13 28.78 -17.38
N LEU A 191 14.28 28.20 -16.18
CA LEU A 191 13.30 27.24 -15.63
C LEU A 191 11.90 27.88 -15.55
N ALA A 192 11.84 29.11 -15.05
CA ALA A 192 10.58 29.86 -14.87
C ALA A 192 9.85 30.00 -16.21
N LYS A 193 10.60 30.32 -17.28
CA LYS A 193 10.03 30.57 -18.61
C LYS A 193 9.50 29.27 -19.22
N LYS A 194 10.16 28.13 -18.94
CA LYS A 194 9.63 26.83 -19.37
C LYS A 194 8.30 26.55 -18.66
N TRP A 195 8.22 26.87 -17.38
CA TRP A 195 6.97 26.72 -16.62
C TRP A 195 5.90 27.69 -17.12
N GLN A 196 6.32 28.90 -17.55
CA GLN A 196 5.38 29.90 -18.10
C GLN A 196 4.71 29.32 -19.36
N THR A 197 5.50 28.66 -20.21
CA THR A 197 5.01 27.99 -21.41
C THR A 197 3.94 26.96 -21.08
N TRP A 198 4.21 26.13 -20.07
CA TRP A 198 3.24 25.12 -19.62
C TRP A 198 1.96 25.82 -19.15
N MET A 199 2.14 26.81 -18.27
CA MET A 199 1.05 27.50 -17.63
C MET A 199 0.21 28.22 -18.70
N ASP A 200 0.90 28.86 -19.65
CA ASP A 200 0.26 29.63 -20.71
C ASP A 200 -0.60 28.73 -21.62
N TYR A 201 -0.15 27.48 -21.83
CA TYR A 201 -0.92 26.58 -22.68
C TYR A 201 -2.30 26.32 -22.07
N THR A 202 -2.39 26.18 -20.74
CA THR A 202 -3.68 25.89 -20.07
C THR A 202 -4.68 27.03 -20.33
N LYS A 203 -4.17 28.25 -20.54
CA LYS A 203 -5.02 29.43 -20.75
C LYS A 203 -5.83 29.25 -22.05
N THR A 204 -5.25 28.56 -23.03
CA THR A 204 -5.82 28.42 -24.36
C THR A 204 -6.87 27.30 -24.40
N THR A 205 -6.84 26.37 -23.44
CA THR A 205 -7.73 25.19 -23.43
C THR A 205 -8.83 25.29 -22.36
N ALA A 206 -8.65 26.18 -21.37
CA ALA A 206 -9.41 26.21 -20.12
C ALA A 206 -10.93 26.35 -20.38
N ALA A 207 -11.31 27.36 -21.17
CA ALA A 207 -12.72 27.63 -21.45
C ALA A 207 -13.35 26.45 -22.23
N HIS A 208 -12.66 25.99 -23.28
CA HIS A 208 -13.15 24.88 -24.12
C HIS A 208 -13.37 23.62 -23.27
N ILE A 209 -12.51 23.40 -22.26
CA ILE A 209 -12.60 22.19 -21.45
C ILE A 209 -13.59 22.38 -20.30
N PHE A 210 -13.61 23.55 -19.63
CA PHE A 210 -14.32 23.66 -18.34
C PHE A 210 -15.53 24.61 -18.38
N TYR A 211 -15.62 25.51 -19.36
CA TYR A 211 -16.69 26.51 -19.34
C TYR A 211 -17.88 26.03 -20.20
N GLN A 212 -18.98 25.67 -19.53
CA GLN A 212 -20.18 25.17 -20.19
C GLN A 212 -21.01 26.33 -20.76
N GLY A 213 -20.92 27.50 -20.13
CA GLY A 213 -21.65 28.69 -20.54
C GLY A 213 -22.62 29.13 -19.46
N GLU A 214 -23.01 30.41 -19.52
CA GLU A 214 -23.94 31.05 -18.58
C GLU A 214 -23.41 30.97 -17.14
N GLY A 215 -22.08 31.12 -17.02
CA GLY A 215 -21.42 31.16 -15.71
C GLY A 215 -21.18 29.79 -15.09
N LYS A 216 -21.49 28.71 -15.83
CA LYS A 216 -21.38 27.35 -15.31
C LYS A 216 -20.01 26.79 -15.69
N VAL A 217 -19.25 26.35 -14.67
CA VAL A 217 -17.90 25.78 -14.83
C VAL A 217 -17.93 24.35 -14.25
N CYS A 218 -17.46 23.37 -15.05
CA CYS A 218 -17.50 21.96 -14.62
C CYS A 218 -16.60 21.77 -13.39
N ALA A 219 -17.15 21.14 -12.35
CA ALA A 219 -16.34 20.61 -11.24
C ALA A 219 -15.39 19.53 -11.80
N VAL A 220 -15.98 18.62 -12.59
CA VAL A 220 -15.26 17.57 -13.31
C VAL A 220 -15.74 17.55 -14.77
N THR A 221 -14.80 17.68 -15.71
CA THR A 221 -15.09 17.56 -17.13
C THR A 221 -14.80 16.12 -17.59
N ASP A 222 -15.76 15.58 -18.34
CA ASP A 222 -15.66 14.30 -19.02
C ASP A 222 -15.17 14.54 -20.45
N ILE A 223 -14.06 13.85 -20.78
CA ILE A 223 -13.36 13.96 -22.04
C ILE A 223 -13.74 12.74 -22.87
N LYS A 224 -14.11 12.95 -24.14
CA LYS A 224 -14.52 11.83 -24.98
C LYS A 224 -13.40 10.79 -25.00
N ASN A 225 -12.17 11.23 -25.30
CA ASN A 225 -11.04 10.35 -25.38
C ASN A 225 -9.75 11.16 -25.17
N GLN A 226 -9.07 10.86 -24.05
CA GLN A 226 -7.89 11.56 -23.55
C GLN A 226 -6.70 11.45 -24.52
N SER A 227 -6.73 10.45 -25.40
CA SER A 227 -5.67 10.25 -26.39
C SER A 227 -5.84 11.19 -27.59
N LEU A 228 -7.03 11.78 -27.75
CA LEU A 228 -7.29 12.74 -28.85
C LEU A 228 -6.87 14.15 -28.41
N PRO A 229 -6.15 14.91 -29.27
CA PRO A 229 -5.94 16.34 -29.04
C PRO A 229 -7.23 17.11 -28.74
N VAL A 230 -7.07 18.29 -28.13
CA VAL A 230 -8.17 19.08 -27.61
C VAL A 230 -9.17 19.40 -28.73
N TYR A 231 -8.63 19.71 -29.91
CA TYR A 231 -9.44 20.18 -31.05
C TYR A 231 -9.42 19.16 -32.20
N HIS A 232 -9.19 17.89 -31.86
CA HIS A 232 -9.45 16.79 -32.80
C HIS A 232 -10.95 16.80 -33.11
N PRO A 233 -11.36 16.56 -34.38
CA PRO A 233 -12.76 16.70 -34.77
C PRO A 233 -13.74 15.82 -33.97
N GLU A 234 -13.23 14.75 -33.35
CA GLU A 234 -14.04 13.80 -32.59
C GLU A 234 -14.04 14.10 -31.09
N GLN A 235 -13.09 14.92 -30.62
CA GLN A 235 -12.98 15.22 -29.20
C GLN A 235 -14.21 16.02 -28.76
N THR A 236 -14.71 15.71 -27.56
CA THR A 236 -15.75 16.51 -26.91
C THR A 236 -15.46 16.58 -25.40
N TYR A 237 -15.99 17.63 -24.78
CA TYR A 237 -15.89 17.90 -23.35
C TYR A 237 -17.28 18.22 -22.81
N ALA A 238 -17.68 17.58 -21.72
CA ALA A 238 -18.93 17.88 -21.06
C ALA A 238 -18.74 17.82 -19.54
N CYS A 239 -19.50 18.64 -18.82
CA CYS A 239 -19.48 18.59 -17.38
C CYS A 239 -20.04 17.25 -16.94
N GLU A 240 -19.42 16.68 -15.90
CA GLU A 240 -19.89 15.48 -15.30
C GLU A 240 -21.08 15.83 -14.41
N GLY A 241 -22.27 15.37 -14.81
CA GLY A 241 -23.51 15.68 -14.14
C GLY A 241 -23.75 17.17 -14.03
N THR A 242 -24.17 17.60 -12.84
CA THR A 242 -24.71 18.92 -12.60
C THR A 242 -23.87 19.66 -11.54
N SER A 243 -22.67 19.16 -11.24
CA SER A 243 -21.74 19.74 -10.26
C SER A 243 -20.90 20.85 -10.91
N TYR A 244 -21.01 22.08 -10.40
CA TYR A 244 -20.28 23.21 -10.95
C TYR A 244 -19.43 23.86 -9.87
N LEU A 245 -18.30 24.46 -10.28
CA LEU A 245 -17.51 25.34 -9.44
C LEU A 245 -18.27 26.66 -9.31
N ASN A 246 -19.16 26.75 -8.32
CA ASN A 246 -20.06 27.89 -8.21
C ASN A 246 -20.13 28.39 -6.76
N ASP A 247 -19.07 28.14 -5.98
CA ASP A 247 -19.08 28.48 -4.56
C ASP A 247 -17.78 29.23 -4.21
N PRO A 248 -17.68 29.80 -2.99
CA PRO A 248 -16.51 30.58 -2.59
C PRO A 248 -15.32 29.78 -2.02
N TYR A 249 -15.30 28.46 -2.19
CA TYR A 249 -14.23 27.61 -1.64
C TYR A 249 -13.11 27.48 -2.69
N GLN A 250 -12.39 26.35 -2.70
CA GLN A 250 -11.10 26.28 -3.39
C GLN A 250 -11.29 26.46 -4.90
N GLY A 251 -12.49 26.09 -5.39
CA GLY A 251 -12.83 26.12 -6.81
C GLY A 251 -12.82 27.53 -7.39
N GLU A 252 -12.86 28.54 -6.52
CA GLU A 252 -12.86 29.93 -6.95
C GLU A 252 -11.54 30.29 -7.63
N LEU A 253 -10.45 29.61 -7.26
CA LEU A 253 -9.16 29.85 -7.93
C LEU A 253 -9.31 29.62 -9.44
N PHE A 254 -10.11 28.62 -9.81
CA PHE A 254 -10.24 28.29 -11.21
C PHE A 254 -11.10 29.33 -11.93
N THR A 255 -12.12 29.86 -11.25
CA THR A 255 -12.95 30.96 -11.77
C THR A 255 -12.05 32.10 -12.27
N TRP A 256 -11.08 32.49 -11.43
CA TRP A 256 -10.15 33.56 -11.74
C TRP A 256 -9.31 33.21 -12.98
N TRP A 257 -8.94 31.94 -13.12
CA TRP A 257 -8.18 31.48 -14.27
C TRP A 257 -8.95 31.76 -15.56
N LEU A 258 -10.23 31.39 -15.58
CA LEU A 258 -11.12 31.62 -16.72
C LEU A 258 -11.25 33.12 -16.99
N GLN A 259 -11.52 33.91 -15.93
CA GLN A 259 -11.74 35.34 -16.09
C GLN A 259 -10.53 36.03 -16.73
N PHE A 260 -9.34 35.80 -16.16
CA PHE A 260 -8.15 36.55 -16.56
C PHE A 260 -7.57 36.01 -17.88
N PHE A 261 -7.66 34.70 -18.12
CA PHE A 261 -6.86 34.07 -19.19
C PHE A 261 -7.69 33.22 -20.15
N GLY A 262 -8.99 33.05 -19.89
CA GLY A 262 -9.78 32.05 -20.58
C GLY A 262 -10.29 32.52 -21.95
N GLY A 263 -10.28 33.84 -22.18
CA GLY A 263 -10.80 34.47 -23.38
C GLY A 263 -12.31 34.61 -23.33
N LEU A 264 -12.87 34.76 -22.13
CA LEU A 264 -14.31 34.94 -21.97
C LEU A 264 -14.68 36.40 -22.28
N SER A 265 -15.90 36.60 -22.78
CA SER A 265 -16.50 37.94 -22.97
C SER A 265 -16.79 38.56 -21.60
N ASP A 266 -17.10 39.85 -21.60
CA ASP A 266 -17.48 40.58 -20.38
C ASP A 266 -18.80 40.03 -19.83
N ALA A 267 -19.73 39.68 -20.74
CA ALA A 267 -20.99 39.09 -20.34
C ALA A 267 -20.75 37.76 -19.63
N ASP A 268 -19.76 36.99 -20.09
CA ASP A 268 -19.45 35.66 -19.54
C ASP A 268 -18.78 35.80 -18.17
N ILE A 269 -17.86 36.76 -18.05
CA ILE A 269 -17.24 37.09 -16.77
C ILE A 269 -18.32 37.49 -15.76
N GLU A 270 -19.21 38.41 -16.16
CA GLU A 270 -20.31 38.83 -15.28
C GLU A 270 -21.14 37.60 -14.89
N ALA A 271 -21.39 36.70 -15.84
CA ALA A 271 -22.19 35.48 -15.60
C ALA A 271 -21.50 34.56 -14.56
N LEU A 272 -20.16 34.48 -14.60
CA LEU A 272 -19.40 33.68 -13.62
C LEU A 272 -19.81 34.08 -12.19
N TRP A 273 -19.79 35.39 -11.93
CA TRP A 273 -19.96 35.90 -10.57
C TRP A 273 -21.43 35.87 -10.16
N GLU A 274 -22.30 36.02 -11.16
CA GLU A 274 -23.73 36.02 -10.97
C GLU A 274 -24.17 34.62 -10.54
N TYR A 275 -23.69 33.61 -11.27
CA TYR A 275 -24.03 32.23 -11.01
C TYR A 275 -23.44 31.77 -9.67
N LYS A 276 -22.33 32.39 -9.24
CA LYS A 276 -21.68 32.05 -7.97
C LYS A 276 -22.39 32.70 -6.78
N ARG A 277 -23.10 33.80 -7.02
CA ARG A 277 -23.52 34.75 -5.97
C ARG A 277 -24.38 34.06 -4.93
N PRO A 278 -25.37 33.21 -5.30
CA PRO A 278 -26.23 32.55 -4.32
C PRO A 278 -25.53 31.61 -3.33
N GLN A 279 -24.27 31.23 -3.60
CA GLN A 279 -23.49 30.33 -2.70
C GLN A 279 -22.60 31.15 -1.76
N LEU A 280 -22.56 32.48 -1.93
CA LEU A 280 -21.83 33.39 -1.05
C LEU A 280 -22.81 33.95 -0.02
N VAL A 281 -22.73 33.46 1.22
CA VAL A 281 -23.79 33.65 2.22
C VAL A 281 -23.17 34.04 3.56
N SER A 282 -23.83 34.98 4.25
CA SER A 282 -23.50 35.41 5.59
C SER A 282 -24.37 34.63 6.60
N VAL A 283 -23.73 34.04 7.61
CA VAL A 283 -24.44 33.40 8.73
C VAL A 283 -23.67 33.72 10.01
N ASP A 284 -24.40 33.66 11.13
CA ASP A 284 -23.84 33.98 12.43
C ASP A 284 -23.64 32.66 13.20
N TYR A 285 -22.39 32.38 13.58
CA TYR A 285 -22.10 31.33 14.55
C TYR A 285 -22.51 31.81 15.95
N HIS A 286 -23.30 31.00 16.66
CA HIS A 286 -23.70 31.33 18.04
C HIS A 286 -24.07 30.05 18.79
N ILE A 287 -23.16 29.60 19.67
CA ILE A 287 -23.34 28.44 20.52
C ILE A 287 -22.83 28.79 21.93
N GLY A 288 -23.65 28.46 22.93
CA GLY A 288 -23.40 28.87 24.31
C GLY A 288 -23.09 30.35 24.39
N ASN A 289 -21.94 30.67 25.01
CA ASN A 289 -21.55 32.03 25.30
C ASN A 289 -20.63 32.58 24.19
N VAL A 290 -20.51 31.86 23.06
CA VAL A 290 -19.63 32.25 21.96
C VAL A 290 -20.50 32.76 20.81
N GLY A 291 -20.39 34.06 20.54
CA GLY A 291 -21.04 34.70 19.40
C GLY A 291 -22.19 35.62 19.81
N PRO A 292 -22.97 36.16 18.84
CA PRO A 292 -22.85 35.78 17.43
C PRO A 292 -21.54 36.26 16.76
N ILE A 293 -20.99 35.43 15.87
CA ILE A 293 -19.87 35.77 15.01
C ILE A 293 -20.31 35.57 13.55
N THR A 294 -20.32 36.65 12.77
CA THR A 294 -20.69 36.58 11.37
C THR A 294 -19.54 35.95 10.56
N VAL A 295 -19.86 34.89 9.80
CA VAL A 295 -18.88 34.20 8.96
C VAL A 295 -19.47 33.98 7.57
N GLN A 296 -18.57 33.73 6.61
CA GLN A 296 -18.92 33.12 5.34
C GLN A 296 -19.39 31.68 5.60
N LYS A 297 -20.62 31.38 5.19
CA LYS A 297 -21.16 30.05 5.32
C LYS A 297 -20.26 29.07 4.56
N GLY A 298 -19.90 27.98 5.22
CA GLY A 298 -19.01 26.96 4.68
C GLY A 298 -19.80 25.84 4.00
N TYR A 299 -19.08 24.95 3.34
CA TYR A 299 -19.68 23.74 2.81
C TYR A 299 -19.88 22.77 3.97
N TRP A 300 -18.78 22.37 4.62
CA TRP A 300 -18.81 21.75 5.97
C TRP A 300 -18.28 22.73 7.02
N PHE A 301 -17.63 23.81 6.57
CA PHE A 301 -16.73 24.65 7.37
C PHE A 301 -15.53 23.82 7.83
N SER A 302 -15.13 22.86 6.98
CA SER A 302 -13.81 22.26 7.01
C SER A 302 -12.78 23.35 6.71
N SER A 303 -11.65 23.30 7.41
CA SER A 303 -10.57 24.26 7.24
C SER A 303 -10.08 24.30 5.78
N HIS A 304 -10.08 23.15 5.08
CA HIS A 304 -9.51 23.03 3.72
C HIS A 304 -10.25 23.95 2.73
N GLU A 305 -11.51 24.28 3.03
CA GLU A 305 -12.36 25.12 2.17
C GLU A 305 -11.80 26.54 1.98
N THR A 306 -10.85 26.95 2.84
CA THR A 306 -10.27 28.30 2.90
C THR A 306 -8.96 28.38 2.09
N TRP A 307 -8.56 27.25 1.49
CA TRP A 307 -7.33 27.05 0.69
C TRP A 307 -7.00 28.25 -0.21
N LYS A 308 -8.01 28.87 -0.83
CA LYS A 308 -7.81 29.90 -1.88
C LYS A 308 -6.98 31.09 -1.36
N VAL A 309 -7.10 31.41 -0.06
CA VAL A 309 -6.43 32.59 0.50
C VAL A 309 -4.91 32.37 0.57
N LEU A 310 -4.47 31.10 0.49
CA LEU A 310 -3.04 30.76 0.43
C LEU A 310 -2.43 31.19 -0.91
N GLU A 311 -3.25 31.32 -1.96
CA GLU A 311 -2.75 31.38 -3.34
C GLU A 311 -2.99 32.75 -4.00
N MET A 312 -4.00 33.51 -3.56
CA MET A 312 -4.31 34.80 -4.15
C MET A 312 -4.52 35.82 -3.05
N PRO A 313 -4.23 37.13 -3.28
CA PRO A 313 -4.24 38.12 -2.21
C PRO A 313 -5.64 38.59 -1.74
N TYR A 314 -6.47 37.64 -1.29
CA TYR A 314 -7.81 37.93 -0.77
C TYR A 314 -7.70 38.88 0.44
N TYR A 315 -6.62 38.75 1.23
CA TYR A 315 -6.50 39.47 2.50
C TYR A 315 -5.93 40.88 2.30
N ASP A 316 -5.65 41.28 1.05
CA ASP A 316 -5.44 42.69 0.72
C ASP A 316 -6.76 43.46 0.85
N ILE A 317 -7.91 42.77 0.85
CA ILE A 317 -9.23 43.40 0.95
C ILE A 317 -9.73 43.26 2.39
N ASP A 318 -9.93 44.41 3.05
CA ASP A 318 -10.16 44.48 4.49
C ASP A 318 -11.45 43.73 4.87
N ILE A 319 -12.54 43.95 4.12
CA ILE A 319 -13.80 43.27 4.44
C ILE A 319 -13.55 41.75 4.39
N ILE A 320 -12.75 41.29 3.42
CA ILE A 320 -12.50 39.86 3.24
C ILE A 320 -11.63 39.38 4.42
N ARG A 321 -10.59 40.15 4.73
CA ARG A 321 -9.69 39.88 5.85
C ARG A 321 -10.51 39.75 7.15
N ARG A 322 -11.47 40.65 7.35
CA ARG A 322 -12.28 40.67 8.58
C ARG A 322 -13.22 39.47 8.64
N VAL A 323 -13.84 39.12 7.51
CA VAL A 323 -14.77 37.99 7.44
C VAL A 323 -14.00 36.68 7.73
N PHE A 324 -12.76 36.58 7.24
CA PHE A 324 -11.99 35.34 7.39
C PHE A 324 -11.31 35.28 8.77
N GLN A 325 -11.05 36.44 9.38
CA GLN A 325 -10.60 36.50 10.76
C GLN A 325 -11.72 35.97 11.66
N ASN A 326 -12.96 36.41 11.41
CA ASN A 326 -14.14 35.93 12.15
C ASN A 326 -14.24 34.40 12.08
N ALA A 327 -13.95 33.83 10.90
CA ALA A 327 -13.97 32.37 10.71
C ALA A 327 -13.16 31.69 11.81
N GLU A 328 -11.98 32.26 12.12
CA GLU A 328 -11.04 31.66 13.06
C GLU A 328 -11.47 31.92 14.50
N ARG A 329 -12.18 33.02 14.74
CA ARG A 329 -12.85 33.25 16.02
C ARG A 329 -13.82 32.11 16.28
N ALA A 330 -14.64 31.81 15.27
CA ALA A 330 -15.65 30.76 15.36
C ALA A 330 -14.96 29.39 15.46
N ARG A 331 -13.93 29.16 14.65
CA ARG A 331 -13.30 27.83 14.54
C ARG A 331 -12.67 27.44 15.89
N THR A 332 -11.87 28.35 16.45
CA THR A 332 -11.16 28.07 17.70
C THR A 332 -12.18 27.94 18.84
N CYS A 333 -13.06 28.92 18.97
CA CYS A 333 -13.96 29.01 20.12
C CYS A 333 -15.05 27.93 20.04
N ASN A 334 -15.40 27.49 18.82
CA ASN A 334 -16.33 26.37 18.66
C ASN A 334 -15.81 25.13 19.36
N SER A 335 -14.49 24.89 19.25
CA SER A 335 -13.89 23.67 19.80
C SER A 335 -13.80 23.75 21.32
N VAL A 336 -13.62 24.97 21.86
CA VAL A 336 -13.62 25.17 23.31
C VAL A 336 -15.03 24.93 23.86
N VAL A 337 -16.04 25.55 23.26
CA VAL A 337 -17.40 25.46 23.79
C VAL A 337 -17.95 24.04 23.62
N THR A 338 -17.53 23.32 22.57
CA THR A 338 -18.01 21.92 22.36
C THR A 338 -16.99 20.93 22.95
N GLN A 339 -15.92 21.44 23.56
CA GLN A 339 -14.96 20.68 24.38
C GLN A 339 -14.22 19.65 23.52
N VAL A 340 -13.63 20.12 22.42
CA VAL A 340 -12.87 19.30 21.48
C VAL A 340 -11.40 19.71 21.59
N PRO A 341 -10.46 18.77 21.78
CA PRO A 341 -9.04 19.11 21.89
C PRO A 341 -8.33 19.36 20.55
N GLY A 342 -9.09 19.72 19.53
CA GLY A 342 -8.58 20.06 18.21
C GLY A 342 -9.65 20.75 17.39
N MET A 343 -9.41 20.85 16.07
CA MET A 343 -10.37 21.41 15.14
C MET A 343 -10.49 20.48 13.92
N PHE A 344 -11.48 20.77 13.07
CA PHE A 344 -12.00 19.83 12.10
C PHE A 344 -11.67 20.25 10.66
N ALA A 345 -11.36 19.23 9.84
CA ALA A 345 -11.22 19.36 8.42
C ALA A 345 -11.34 17.98 7.77
N SER A 346 -11.67 17.98 6.48
CA SER A 346 -11.72 16.77 5.68
C SER A 346 -10.38 16.04 5.83
N ILE A 347 -10.45 14.74 6.14
CA ILE A 347 -9.26 14.01 6.60
C ILE A 347 -9.49 12.49 6.46
N ASN A 348 -8.38 11.76 6.32
CA ASN A 348 -8.38 10.31 6.41
C ASN A 348 -8.77 9.88 7.84
N ASN A 349 -9.58 8.80 7.88
CA ASN A 349 -10.02 8.13 9.10
C ASN A 349 -8.85 7.33 9.69
N VAL A 350 -9.06 6.80 10.90
CA VAL A 350 -8.05 6.03 11.64
C VAL A 350 -7.60 4.80 10.87
N THR A 351 -6.39 4.34 11.20
CA THR A 351 -5.86 3.06 10.79
C THR A 351 -6.44 1.97 11.67
N ASP A 352 -6.82 0.85 11.02
CA ASP A 352 -7.10 -0.40 11.68
C ASP A 352 -5.76 -1.05 12.01
N PRO A 353 -5.36 -1.10 13.30
CA PRO A 353 -4.04 -1.63 13.67
C PRO A 353 -3.79 -3.06 13.16
N ALA A 354 -4.87 -3.85 13.00
CA ALA A 354 -4.79 -5.27 12.62
C ALA A 354 -4.42 -5.43 11.13
N THR A 355 -4.88 -4.50 10.27
CA THR A 355 -4.67 -4.57 8.83
C THR A 355 -3.56 -3.61 8.38
N GLY A 356 -3.39 -2.48 9.09
CA GLY A 356 -2.51 -1.40 8.66
C GLY A 356 -3.17 -0.49 7.63
N ASP A 357 -4.47 -0.70 7.36
CA ASP A 357 -5.22 0.07 6.37
C ASP A 357 -6.05 1.15 7.07
N VAL A 358 -6.12 2.31 6.42
CA VAL A 358 -7.03 3.39 6.79
C VAL A 358 -8.45 2.91 6.51
N VAL A 359 -9.39 3.15 7.42
CA VAL A 359 -10.75 2.59 7.28
C VAL A 359 -11.58 3.39 6.26
N GLY A 360 -11.20 4.63 5.96
CA GLY A 360 -11.94 5.47 4.97
C GLY A 360 -11.53 6.93 5.05
N TYR A 361 -12.21 7.77 4.25
CA TYR A 361 -11.97 9.23 4.23
C TYR A 361 -13.20 9.94 4.79
N ILE A 362 -12.98 10.85 5.75
CA ILE A 362 -14.04 11.66 6.37
C ILE A 362 -14.04 13.05 5.71
N SER A 363 -14.98 13.23 4.76
CA SER A 363 -15.15 14.49 4.05
C SER A 363 -15.82 15.54 4.96
N ASN A 364 -16.87 15.12 5.66
CA ASN A 364 -17.86 16.00 6.28
C ASN A 364 -17.50 16.30 7.74
N ALA A 365 -16.32 16.92 7.94
CA ALA A 365 -15.84 17.27 9.26
C ALA A 365 -15.58 18.77 9.31
N GLY A 366 -16.45 19.49 10.03
CA GLY A 366 -16.34 20.93 10.18
C GLY A 366 -17.19 21.44 11.34
N ILE A 367 -18.04 22.43 11.04
CA ILE A 367 -18.86 23.13 12.03
C ILE A 367 -20.27 23.24 11.47
N PRO A 368 -21.15 22.28 11.82
CA PRO A 368 -22.46 22.14 11.16
C PRO A 368 -23.35 23.39 11.15
N SER A 369 -23.36 24.16 12.24
CA SER A 369 -24.29 25.28 12.42
C SER A 369 -23.99 26.43 11.45
N ILE A 370 -22.79 26.43 10.85
CA ILE A 370 -22.39 27.47 9.90
C ILE A 370 -21.97 26.82 8.57
N ALA A 371 -22.67 25.74 8.19
CA ALA A 371 -22.28 24.89 7.06
C ALA A 371 -23.51 24.54 6.22
N ASN A 372 -23.30 24.48 4.91
CA ASN A 372 -24.31 24.06 3.96
C ASN A 372 -24.70 22.60 4.28
N GLN A 373 -23.70 21.76 4.53
CA GLN A 373 -23.85 20.33 4.78
C GLN A 373 -23.79 20.08 6.30
N THR A 374 -24.95 19.89 6.92
CA THR A 374 -25.06 19.92 8.38
C THR A 374 -24.87 18.52 8.98
N ILE A 375 -24.97 17.48 8.15
CA ILE A 375 -24.72 16.10 8.58
C ILE A 375 -23.21 15.85 8.53
N GLN A 376 -22.59 15.78 9.72
CA GLN A 376 -21.13 15.77 9.84
C GLN A 376 -20.70 14.67 10.81
N GLU A 377 -19.49 14.15 10.57
CA GLU A 377 -18.81 13.22 11.45
C GLU A 377 -17.69 14.01 12.14
N LEU A 378 -17.75 14.05 13.48
CA LEU A 378 -16.92 14.93 14.30
C LEU A 378 -16.13 14.11 15.35
N ASP A 379 -15.81 12.86 15.02
CA ASP A 379 -15.08 12.00 15.96
C ASP A 379 -13.57 12.08 15.71
N VAL A 380 -13.14 12.70 14.60
CA VAL A 380 -11.72 12.74 14.22
C VAL A 380 -11.30 14.20 13.93
N ILE A 381 -10.14 14.58 14.48
CA ILE A 381 -9.55 15.92 14.42
C ILE A 381 -8.15 15.81 13.80
N THR A 382 -7.64 16.91 13.25
CA THR A 382 -6.39 16.87 12.50
C THR A 382 -5.60 18.16 12.71
N PRO A 383 -4.26 18.07 12.86
CA PRO A 383 -3.41 19.27 12.99
C PRO A 383 -3.59 20.32 11.88
N TYR A 384 -3.86 19.88 10.63
CA TYR A 384 -3.91 20.81 9.49
C TYR A 384 -5.15 21.72 9.55
N SER A 385 -6.10 21.40 10.44
CA SER A 385 -7.25 22.25 10.70
C SER A 385 -6.81 23.65 11.15
N VAL A 386 -5.56 23.79 11.63
CA VAL A 386 -5.07 25.07 12.17
C VAL A 386 -4.60 26.01 11.03
N PHE A 387 -4.47 25.53 9.79
CA PHE A 387 -3.72 26.32 8.78
C PHE A 387 -4.37 27.70 8.58
N PRO A 388 -5.73 27.86 8.56
CA PRO A 388 -6.33 29.18 8.38
C PRO A 388 -6.13 30.08 9.62
N THR A 389 -6.01 29.46 10.80
CA THR A 389 -5.75 30.19 12.05
C THR A 389 -4.32 30.77 12.01
N VAL A 390 -3.38 29.94 11.53
CA VAL A 390 -1.94 30.28 11.49
C VAL A 390 -1.75 31.61 10.74
N LEU A 391 -2.52 31.81 9.67
CA LEU A 391 -2.43 32.99 8.80
C LEU A 391 -2.74 34.27 9.58
N PHE A 392 -3.64 34.20 10.57
CA PHE A 392 -4.01 35.36 11.39
C PHE A 392 -3.15 35.44 12.66
N ASP A 393 -2.79 34.29 13.25
CA ASP A 393 -2.08 34.26 14.53
C ASP A 393 -1.30 32.95 14.66
N LYS A 394 0.00 33.02 14.34
CA LYS A 394 0.94 31.88 14.39
C LYS A 394 0.91 31.17 15.74
N GLY A 395 0.92 31.96 16.82
CA GLY A 395 0.95 31.45 18.19
C GLY A 395 -0.27 30.60 18.49
N VAL A 396 -1.46 31.15 18.25
CA VAL A 396 -2.71 30.44 18.54
C VAL A 396 -2.78 29.20 17.63
N GLY A 397 -2.50 29.40 16.34
CA GLY A 397 -2.43 28.31 15.37
C GLY A 397 -1.57 27.16 15.88
N MET A 398 -0.37 27.48 16.34
CA MET A 398 0.61 26.50 16.77
C MET A 398 0.23 25.92 18.14
N ALA A 399 -0.50 26.67 18.96
CA ALA A 399 -0.99 26.15 20.24
C ALA A 399 -1.97 25.00 19.98
N TRP A 400 -2.85 25.20 18.98
CA TRP A 400 -3.84 24.20 18.60
C TRP A 400 -3.15 22.98 17.96
N TRP A 401 -2.19 23.26 17.08
CA TRP A 401 -1.34 22.25 16.45
C TRP A 401 -0.68 21.36 17.50
N ARG A 402 -0.08 22.00 18.52
CA ARG A 402 0.61 21.33 19.63
C ARG A 402 -0.39 20.45 20.40
N ASN A 403 -1.56 21.00 20.74
CA ASN A 403 -2.57 20.28 21.52
C ASN A 403 -2.90 18.94 20.83
N MET A 404 -3.01 18.96 19.50
CA MET A 404 -3.30 17.76 18.73
C MET A 404 -2.05 16.87 18.60
N ALA A 405 -0.87 17.47 18.41
CA ALA A 405 0.39 16.76 18.20
C ALA A 405 0.85 16.03 19.48
N ILE A 406 0.42 16.52 20.65
CA ILE A 406 0.68 15.90 21.98
C ILE A 406 0.00 14.53 22.07
N GLY A 407 -1.16 14.38 21.43
CA GLY A 407 -1.87 13.11 21.39
C GLY A 407 -0.95 11.94 21.07
N LYS A 408 -1.29 10.77 21.59
CA LYS A 408 -0.48 9.59 21.38
C LYS A 408 -0.38 9.32 19.88
N LYS A 409 0.86 9.13 19.41
CA LYS A 409 1.23 8.76 18.03
C LYS A 409 1.05 9.94 17.07
N MET A 410 0.88 11.16 17.57
CA MET A 410 0.53 12.28 16.68
C MET A 410 1.78 13.04 16.22
N GLN A 411 2.97 12.59 16.63
CA GLN A 411 4.25 12.96 15.99
C GLN A 411 4.98 11.69 15.53
N ASN A 412 5.82 11.87 14.50
CA ASN A 412 6.59 10.81 13.90
C ASN A 412 7.86 11.42 13.32
N ILE A 413 8.75 10.57 12.82
CA ILE A 413 10.05 11.00 12.26
C ILE A 413 9.84 11.75 10.94
N TYR A 414 8.58 11.90 10.49
CA TYR A 414 8.29 12.74 9.32
C TYR A 414 7.40 13.94 9.70
N GLY A 415 7.33 14.26 11.00
CA GLY A 415 6.54 15.40 11.51
C GLY A 415 5.20 14.95 12.09
N SER A 416 4.16 15.77 11.90
CA SER A 416 2.83 15.48 12.43
C SER A 416 2.23 14.25 11.72
N THR A 417 1.35 13.57 12.45
CA THR A 417 0.56 12.45 11.97
C THR A 417 -0.77 12.99 11.42
N GLU A 418 -1.37 12.24 10.48
CA GLU A 418 -2.58 12.63 9.72
C GLU A 418 -3.68 13.13 10.67
N SER A 419 -4.11 12.29 11.61
CA SER A 419 -5.29 12.59 12.42
C SER A 419 -5.40 11.64 13.63
N THR A 420 -6.19 12.06 14.61
CA THR A 420 -6.51 11.28 15.79
C THR A 420 -8.01 11.41 16.07
N ARG A 421 -8.61 10.33 16.58
CA ARG A 421 -9.89 10.45 17.23
C ARG A 421 -9.76 11.44 18.39
N ARG A 422 -10.79 12.26 18.58
CA ARG A 422 -10.76 13.27 19.65
C ARG A 422 -10.88 12.58 21.02
N ASP A 423 -11.32 11.32 21.06
CA ASP A 423 -11.37 10.52 22.30
C ASP A 423 -10.06 9.72 22.48
N GLY A 424 -9.14 9.82 21.53
CA GLY A 424 -7.78 9.26 21.66
C GLY A 424 -7.73 7.74 21.60
N THR A 425 -8.75 7.09 21.02
CA THR A 425 -8.81 5.63 20.96
C THR A 425 -8.28 5.11 19.61
N GLY A 426 -8.02 6.01 18.65
CA GLY A 426 -7.52 5.64 17.33
C GLY A 426 -6.81 6.79 16.63
N VAL A 427 -5.92 6.43 15.72
CA VAL A 427 -5.09 7.37 14.97
C VAL A 427 -5.04 6.91 13.51
N SER A 428 -4.98 7.86 12.58
CA SER A 428 -4.66 7.59 11.19
C SER A 428 -3.14 7.55 11.04
N ALA A 429 -2.57 6.35 10.93
CA ALA A 429 -1.12 6.17 10.87
C ALA A 429 -0.66 6.41 9.43
N LEU A 430 -0.67 7.70 9.06
CA LEU A 430 -0.60 8.13 7.68
C LEU A 430 0.01 9.54 7.63
N LEU A 431 0.66 9.83 6.50
CA LEU A 431 1.19 11.15 6.14
C LEU A 431 0.62 11.55 4.78
N THR A 432 0.13 12.79 4.66
CA THR A 432 -0.28 13.35 3.37
C THR A 432 0.15 14.82 3.29
N TRP A 433 0.34 15.32 2.06
CA TRP A 433 0.57 16.74 1.80
C TRP A 433 -0.57 17.55 2.42
N ASP A 434 -1.80 17.08 2.20
CA ASP A 434 -3.02 17.78 2.64
C ASP A 434 -2.98 18.03 4.15
N SER A 435 -2.58 17.03 4.95
CA SER A 435 -2.68 17.11 6.42
C SER A 435 -1.42 17.71 7.05
N LYS A 436 -0.38 18.01 6.27
CA LYS A 436 0.93 18.39 6.83
C LYS A 436 1.48 19.68 6.19
N VAL A 437 1.54 19.71 4.86
CA VAL A 437 2.22 20.78 4.13
C VAL A 437 1.25 21.94 3.84
N SER A 438 -0.05 21.72 4.05
CA SER A 438 -1.00 22.83 4.08
C SER A 438 -0.62 23.81 5.19
N THR A 439 -0.32 23.26 6.37
CA THR A 439 0.14 23.99 7.53
C THR A 439 1.48 24.66 7.26
N VAL A 440 2.41 23.93 6.63
CA VAL A 440 3.74 24.47 6.34
C VAL A 440 3.57 25.73 5.48
N ASN A 441 2.74 25.64 4.42
CA ASN A 441 2.52 26.76 3.50
C ASN A 441 1.87 27.95 4.25
N ALA A 442 0.98 27.68 5.20
CA ALA A 442 0.38 28.74 6.02
C ALA A 442 1.47 29.43 6.86
N ILE A 443 2.37 28.63 7.42
CA ILE A 443 3.47 29.14 8.23
C ILE A 443 4.34 30.07 7.37
N LEU A 444 4.51 29.76 6.08
CA LEU A 444 5.35 30.53 5.13
C LEU A 444 4.60 31.76 4.59
N GLY A 445 3.33 31.91 4.99
CA GLY A 445 2.52 33.10 4.71
C GLY A 445 1.77 33.00 3.39
N GLY A 446 1.59 31.78 2.88
CA GLY A 446 0.99 31.57 1.57
C GLY A 446 1.90 32.10 0.47
N VAL A 447 1.42 32.08 -0.77
CA VAL A 447 2.18 32.62 -1.91
C VAL A 447 1.47 33.86 -2.48
N SER A 448 0.46 34.38 -1.78
CA SER A 448 -0.33 35.53 -2.25
C SER A 448 0.55 36.75 -2.52
N GLY A 449 1.58 36.96 -1.69
CA GLY A 449 2.59 37.99 -1.93
C GLY A 449 3.18 37.90 -3.33
N LEU A 450 3.77 36.74 -3.63
CA LEU A 450 4.38 36.49 -4.94
C LEU A 450 3.34 36.68 -6.06
N VAL A 451 2.11 36.19 -5.84
CA VAL A 451 1.09 36.20 -6.86
C VAL A 451 0.66 37.64 -7.14
N SER A 452 0.44 38.43 -6.08
CA SER A 452 0.01 39.82 -6.24
C SER A 452 1.09 40.64 -6.96
N GLN A 453 2.37 40.31 -6.76
CA GLN A 453 3.44 40.97 -7.49
C GLN A 453 3.24 40.77 -9.00
N LYS A 454 3.10 39.51 -9.41
CA LYS A 454 3.00 39.14 -10.82
C LYS A 454 1.66 39.64 -11.40
N MET A 455 0.60 39.63 -10.58
CA MET A 455 -0.70 40.14 -11.00
C MET A 455 -0.62 41.64 -11.29
N LYS A 456 0.10 42.38 -10.44
CA LYS A 456 0.28 43.82 -10.62
C LYS A 456 1.07 44.06 -11.91
N ALA A 457 2.14 43.28 -12.11
CA ALA A 457 3.00 43.40 -13.28
C ALA A 457 2.20 43.08 -14.57
N GLU A 458 1.20 42.20 -14.47
CA GLU A 458 0.39 41.79 -15.63
C GLU A 458 -0.94 42.54 -15.65
N ASN A 459 -1.09 43.48 -14.71
CA ASN A 459 -2.16 44.44 -14.68
C ASN A 459 -3.52 43.75 -14.55
N ILE A 460 -3.59 42.69 -13.73
CA ILE A 460 -4.88 42.08 -13.38
C ILE A 460 -5.18 42.23 -11.87
N TYR A 461 -4.25 42.82 -11.11
CA TYR A 461 -4.42 42.98 -9.66
C TYR A 461 -5.64 43.85 -9.34
N ASN A 462 -5.72 45.03 -9.98
CA ASN A 462 -6.80 46.00 -9.75
C ASN A 462 -8.17 45.37 -10.06
N THR A 463 -8.23 44.53 -11.10
CA THR A 463 -9.49 43.84 -11.47
C THR A 463 -9.90 42.86 -10.37
N PHE A 464 -8.91 42.12 -9.84
CA PHE A 464 -9.14 41.18 -8.74
C PHE A 464 -9.77 41.92 -7.55
N VAL A 465 -9.11 43.00 -7.12
CA VAL A 465 -9.54 43.76 -5.91
C VAL A 465 -10.97 44.28 -6.11
N GLU A 466 -11.20 44.96 -7.23
CA GLU A 466 -12.49 45.59 -7.54
C GLU A 466 -13.61 44.55 -7.49
N ARG A 467 -13.41 43.46 -8.22
CA ARG A 467 -14.42 42.42 -8.38
C ARG A 467 -14.68 41.76 -7.01
N ILE A 468 -13.61 41.36 -6.32
CA ILE A 468 -13.77 40.49 -5.16
C ILE A 468 -14.23 41.33 -3.95
N GLU A 469 -13.80 42.60 -3.90
CA GLU A 469 -14.28 43.50 -2.86
C GLU A 469 -15.77 43.78 -3.08
N ALA A 470 -16.18 43.93 -4.34
CA ALA A 470 -17.59 44.16 -4.69
C ALA A 470 -18.44 42.98 -4.21
N GLU A 471 -18.03 41.76 -4.57
CA GLU A 471 -18.84 40.59 -4.27
C GLU A 471 -18.96 40.42 -2.75
N TYR A 472 -17.84 40.54 -2.03
CA TYR A 472 -17.82 40.32 -0.57
C TYR A 472 -18.54 41.48 0.14
N SER A 473 -18.26 42.74 -0.25
CA SER A 473 -18.88 43.89 0.42
C SER A 473 -20.40 43.87 0.24
N ARG A 474 -20.87 43.21 -0.83
CA ARG A 474 -22.30 43.16 -1.15
C ARG A 474 -23.06 42.21 -0.22
N VAL A 475 -22.42 41.15 0.30
CA VAL A 475 -23.18 40.23 1.17
C VAL A 475 -22.78 40.40 2.65
N PHE A 476 -21.56 40.84 2.95
CA PHE A 476 -21.08 40.91 4.34
C PHE A 476 -21.14 42.37 4.83
N LYS A 477 -22.29 42.73 5.41
CA LYS A 477 -22.49 44.01 6.09
C LYS A 477 -22.80 43.74 7.57
N ASN A 478 -22.47 44.69 8.43
CA ASN A 478 -22.89 44.67 9.82
C ASN A 478 -22.38 43.41 10.51
N LEU A 479 -21.09 43.07 10.28
CA LEU A 479 -20.45 41.90 10.89
C LEU A 479 -20.64 41.94 12.42
N LYS A 480 -20.96 40.77 13.00
CA LYS A 480 -21.01 40.59 14.43
C LYS A 480 -19.76 39.83 14.90
N GLY A 481 -19.35 40.11 16.14
CA GLY A 481 -18.45 39.26 16.88
C GLY A 481 -16.99 39.54 16.60
N GLU A 482 -16.67 40.71 16.05
CA GLU A 482 -15.30 41.05 15.70
C GLU A 482 -14.47 41.33 16.96
N HIS A 483 -15.13 41.49 18.11
CA HIS A 483 -14.43 41.70 19.37
C HIS A 483 -14.11 40.36 20.05
N VAL A 484 -14.72 39.26 19.59
CA VAL A 484 -14.51 37.94 20.21
C VAL A 484 -13.08 37.47 19.95
N PRO A 485 -12.22 37.35 21.00
CA PRO A 485 -10.86 36.88 20.82
C PRO A 485 -10.78 35.42 20.33
N PHE A 486 -9.68 35.08 19.66
CA PHE A 486 -9.37 33.69 19.37
C PHE A 486 -9.30 32.93 20.70
N CYS A 487 -9.77 31.68 20.69
CA CYS A 487 -9.74 30.83 21.87
C CYS A 487 -8.52 29.91 21.79
N LEU A 488 -8.00 29.54 22.97
CA LEU A 488 -6.92 28.59 23.13
C LEU A 488 -7.49 27.24 23.54
N PRO A 489 -6.78 26.12 23.24
CA PRO A 489 -7.24 24.78 23.63
C PRO A 489 -7.43 24.67 25.15
N GLN A 490 -8.56 24.09 25.58
CA GLN A 490 -8.87 23.88 26.98
C GLN A 490 -8.94 22.39 27.35
N GLU A 491 -9.07 21.50 26.37
CA GLU A 491 -9.07 20.05 26.61
C GLU A 491 -7.88 19.43 25.87
N THR A 492 -7.36 18.34 26.45
CA THR A 492 -6.30 17.56 25.85
C THR A 492 -6.92 16.31 25.18
N VAL A 493 -6.15 15.71 24.27
CA VAL A 493 -6.52 14.44 23.67
C VAL A 493 -6.36 13.37 24.75
N PRO A 494 -7.43 12.64 25.15
CA PRO A 494 -7.30 11.59 26.15
C PRO A 494 -6.24 10.54 25.78
N ASP A 495 -5.50 10.06 26.79
CA ASP A 495 -4.62 8.91 26.66
C ASP A 495 -5.42 7.69 27.11
N THR A 496 -5.73 6.81 26.16
CA THR A 496 -6.57 5.65 26.40
C THR A 496 -5.72 4.37 26.34
N GLY A 497 -4.39 4.52 26.20
CA GLY A 497 -3.50 3.38 26.14
C GLY A 497 -2.71 3.25 24.85
N LEU A 498 -3.00 4.09 23.83
CA LEU A 498 -2.16 4.10 22.61
C LEU A 498 -0.72 4.43 23.00
N VAL A 499 0.24 3.83 22.29
CA VAL A 499 1.66 3.97 22.58
C VAL A 499 2.31 4.72 21.42
N ASP A 500 3.10 5.74 21.77
CA ASP A 500 3.86 6.50 20.77
C ASP A 500 4.64 5.53 19.87
N PHE A 501 4.84 5.95 18.61
CA PHE A 501 5.70 5.22 17.70
C PHE A 501 7.08 5.05 18.35
N THR A 502 7.71 3.90 18.14
CA THR A 502 8.95 3.54 18.84
C THR A 502 10.13 4.37 18.31
N THR A 503 10.00 4.97 17.11
CA THR A 503 11.06 5.83 16.55
C THR A 503 10.85 7.31 16.94
N CYS A 504 9.74 7.64 17.63
CA CYS A 504 9.38 9.04 17.97
C CYS A 504 8.57 9.09 19.27
N ASN A 505 9.27 9.11 20.42
CA ASN A 505 8.61 9.04 21.75
C ASN A 505 9.41 9.81 22.80
N GLU B 12 14.22 -13.24 -23.44
CA GLU B 12 13.80 -13.11 -24.84
C GLU B 12 12.35 -13.55 -25.09
N PRO B 13 11.65 -14.41 -24.28
CA PRO B 13 10.23 -14.64 -24.54
C PRO B 13 9.38 -13.38 -24.29
N SER B 14 8.32 -13.21 -25.08
CA SER B 14 7.38 -12.12 -24.90
C SER B 14 6.73 -12.24 -23.52
N CYS B 15 6.38 -11.10 -22.95
CA CYS B 15 5.70 -11.02 -21.67
C CYS B 15 4.40 -11.85 -21.71
N ARG B 16 3.67 -11.72 -22.82
CA ARG B 16 2.38 -12.34 -22.96
C ARG B 16 2.53 -13.66 -23.73
N PHE B 17 3.47 -14.50 -23.30
CA PHE B 17 3.84 -15.73 -24.03
C PHE B 17 2.76 -16.81 -23.90
N ALA B 18 1.90 -16.73 -22.88
CA ALA B 18 0.97 -17.82 -22.61
C ALA B 18 0.09 -18.09 -23.84
N HIS B 19 -0.43 -17.05 -24.51
CA HIS B 19 -1.33 -17.26 -25.66
C HIS B 19 -0.55 -17.45 -26.98
N GLN B 20 0.79 -17.36 -26.93
CA GLN B 20 1.65 -17.65 -28.08
C GLN B 20 1.72 -19.17 -28.32
N TYR B 21 1.43 -19.96 -27.28
CA TYR B 21 1.36 -21.41 -27.33
C TYR B 21 -0.10 -21.85 -27.43
N THR B 22 -0.34 -22.95 -28.15
CA THR B 22 -1.58 -23.72 -28.03
C THR B 22 -1.43 -24.68 -26.84
N GLN B 23 -2.55 -25.20 -26.35
CA GLN B 23 -2.55 -26.15 -25.25
C GLN B 23 -1.78 -27.40 -25.67
N GLU B 24 -2.07 -27.89 -26.88
CA GLU B 24 -1.43 -29.08 -27.43
C GLU B 24 0.09 -28.89 -27.43
N GLN B 25 0.56 -27.68 -27.73
CA GLN B 25 2.00 -27.41 -27.82
C GLN B 25 2.65 -27.46 -26.45
N VAL B 26 1.90 -27.14 -25.39
CA VAL B 26 2.40 -27.20 -24.02
C VAL B 26 2.65 -28.68 -23.68
N LEU B 27 1.72 -29.54 -24.09
CA LEU B 27 1.81 -30.98 -23.82
C LEU B 27 2.92 -31.61 -24.67
N GLN B 28 3.17 -31.10 -25.87
CA GLN B 28 4.19 -31.63 -26.79
C GLN B 28 5.59 -31.30 -26.28
N ASN B 29 5.76 -30.14 -25.62
CA ASN B 29 7.08 -29.74 -25.10
C ASN B 29 6.88 -28.92 -23.82
N PRO B 30 6.53 -29.56 -22.68
CA PRO B 30 6.37 -28.84 -21.42
C PRO B 30 7.58 -27.99 -21.05
N SER B 31 8.78 -28.52 -21.31
CA SER B 31 10.02 -27.89 -20.88
C SER B 31 10.21 -26.53 -21.55
N LYS B 32 9.85 -26.43 -22.82
CA LYS B 32 9.95 -25.18 -23.56
C LYS B 32 9.05 -24.12 -22.90
N PHE B 33 7.79 -24.49 -22.64
CA PHE B 33 6.82 -23.61 -22.01
C PHE B 33 7.34 -23.19 -20.64
N ILE B 34 7.77 -24.16 -19.85
CA ILE B 34 8.26 -23.93 -18.48
C ILE B 34 9.46 -22.96 -18.51
N ASN B 35 10.32 -23.08 -19.54
CA ASN B 35 11.48 -22.21 -19.70
C ASN B 35 11.05 -20.74 -19.81
N ASP B 36 9.91 -20.50 -20.49
CA ASP B 36 9.34 -19.15 -20.62
C ASP B 36 8.74 -18.71 -19.28
N VAL B 37 8.03 -19.63 -18.61
CA VAL B 37 7.41 -19.38 -17.32
C VAL B 37 8.46 -18.90 -16.31
N LEU B 38 9.56 -19.67 -16.18
CA LEU B 38 10.62 -19.38 -15.20
C LEU B 38 11.22 -17.99 -15.42
N PHE B 39 11.38 -17.60 -16.70
CA PHE B 39 12.01 -16.32 -17.08
C PHE B 39 11.20 -15.15 -16.50
N TRP B 40 9.89 -15.17 -16.74
CA TRP B 40 9.04 -14.06 -16.33
C TRP B 40 8.75 -14.13 -14.82
N GLU B 41 8.59 -15.34 -14.26
CA GLU B 41 8.43 -15.51 -12.81
C GLU B 41 9.65 -14.89 -12.08
N GLY B 42 10.83 -15.03 -12.67
CA GLY B 42 12.06 -14.50 -12.12
C GLY B 42 12.04 -12.98 -11.94
N LYS B 43 11.28 -12.28 -12.78
CA LYS B 43 11.16 -10.83 -12.71
C LYS B 43 10.48 -10.40 -11.41
N PHE B 44 9.74 -11.30 -10.77
CA PHE B 44 9.21 -11.09 -9.43
C PHE B 44 10.35 -10.84 -8.45
N HIS B 45 11.50 -11.49 -8.67
CA HIS B 45 12.64 -11.43 -7.77
C HIS B 45 13.39 -10.11 -7.96
N GLN B 46 12.86 -9.04 -7.36
CA GLN B 46 13.47 -7.73 -7.35
C GLN B 46 13.17 -7.04 -6.02
N ASN B 47 14.10 -6.18 -5.60
CA ASN B 47 13.92 -5.32 -4.44
C ASN B 47 12.62 -4.52 -4.60
N ASN B 48 11.90 -4.35 -3.49
CA ASN B 48 10.66 -3.60 -3.40
C ASN B 48 9.50 -4.32 -4.11
N ILE B 49 9.77 -5.42 -4.82
CA ILE B 49 8.68 -6.19 -5.46
C ILE B 49 8.36 -7.40 -4.58
N SER B 50 9.36 -8.26 -4.36
CA SER B 50 9.18 -9.52 -3.64
C SER B 50 10.05 -9.57 -2.36
N TYR B 51 11.13 -8.80 -2.30
CA TYR B 51 11.97 -8.77 -1.10
C TYR B 51 12.64 -7.41 -0.91
N ASN B 52 13.26 -7.27 0.26
CA ASN B 52 14.06 -6.13 0.66
C ASN B 52 15.53 -6.56 0.59
N SER B 53 16.26 -6.02 -0.38
CA SER B 53 17.66 -6.39 -0.62
C SER B 53 18.58 -5.82 0.47
N GLY B 54 18.08 -4.86 1.25
CA GLY B 54 18.82 -4.29 2.37
C GLY B 54 19.00 -5.29 3.50
N ASN B 55 17.94 -6.05 3.81
CA ASN B 55 17.95 -6.97 4.95
C ASN B 55 17.76 -8.44 4.49
N GLY B 56 17.52 -8.65 3.19
CA GLY B 56 17.40 -9.97 2.59
C GLY B 56 16.07 -10.64 2.89
N MET B 57 15.08 -9.87 3.36
CA MET B 57 13.83 -10.41 3.86
C MET B 57 12.76 -10.31 2.79
N SER B 58 11.90 -11.34 2.71
CA SER B 58 10.78 -11.37 1.80
C SER B 58 9.73 -10.32 2.21
N TYR B 59 9.03 -9.79 1.20
CA TYR B 59 7.71 -9.19 1.34
C TYR B 59 6.66 -10.21 0.85
N ASP B 60 5.48 -10.19 1.43
CA ASP B 60 4.39 -11.02 0.96
C ASP B 60 4.25 -10.86 -0.56
N GLY B 61 4.40 -9.62 -1.05
CA GLY B 61 4.36 -9.30 -2.46
C GLY B 61 4.06 -7.83 -2.72
N THR B 62 3.36 -7.54 -3.81
CA THR B 62 3.00 -6.16 -4.12
C THR B 62 1.78 -6.10 -5.05
N ASN B 63 1.03 -5.00 -4.92
CA ASN B 63 0.01 -4.60 -5.88
C ASN B 63 0.71 -4.13 -7.16
N ILE B 64 0.02 -4.31 -8.28
CA ILE B 64 0.42 -3.72 -9.54
C ILE B 64 -0.75 -2.88 -10.06
N ASP B 65 -0.41 -1.86 -10.86
CA ASP B 65 -1.40 -0.89 -11.31
C ASP B 65 -2.43 -1.59 -12.20
N TRP B 66 -3.71 -1.27 -11.99
CA TRP B 66 -4.81 -1.83 -12.74
C TRP B 66 -4.58 -1.71 -14.24
N VAL B 67 -4.07 -0.56 -14.69
CA VAL B 67 -3.93 -0.26 -16.11
C VAL B 67 -2.55 -0.73 -16.62
N THR B 68 -1.48 -0.33 -15.93
CA THR B 68 -0.12 -0.52 -16.48
C THR B 68 0.45 -1.91 -16.16
N GLY B 69 0.01 -2.51 -15.04
CA GLY B 69 0.58 -3.76 -14.53
C GLY B 69 1.98 -3.58 -13.94
N GLU B 70 2.34 -2.33 -13.60
CA GLU B 70 3.63 -2.03 -12.96
C GLU B 70 3.43 -2.04 -11.44
N GLY B 71 4.49 -2.41 -10.71
CA GLY B 71 4.50 -2.40 -9.26
C GLY B 71 4.13 -1.02 -8.71
N THR B 72 3.23 -0.99 -7.74
CA THR B 72 2.74 0.25 -7.14
C THR B 72 3.07 0.26 -5.64
N VAL B 73 2.30 -0.50 -4.87
CA VAL B 73 2.33 -0.51 -3.38
C VAL B 73 2.55 -1.95 -2.93
N LYS B 74 3.71 -2.16 -2.28
CA LYS B 74 4.10 -3.44 -1.73
C LYS B 74 3.25 -3.76 -0.50
N HIS B 75 3.14 -5.06 -0.20
CA HIS B 75 2.82 -5.53 1.13
C HIS B 75 4.11 -5.48 1.95
N PRO B 76 4.21 -4.66 3.02
CA PRO B 76 5.47 -4.49 3.76
C PRO B 76 5.69 -5.55 4.85
N PHE B 77 4.77 -6.53 4.91
CA PHE B 77 4.80 -7.62 5.88
C PHE B 77 5.06 -8.93 5.13
N SER B 78 5.45 -9.96 5.90
CA SER B 78 5.63 -11.31 5.41
C SER B 78 5.61 -12.28 6.60
N ALA B 79 5.98 -13.54 6.34
CA ALA B 79 6.00 -14.61 7.33
C ALA B 79 6.96 -15.72 6.88
N ALA B 80 7.21 -16.66 7.79
CA ALA B 80 8.13 -17.78 7.60
C ALA B 80 7.70 -18.63 6.40
N SER B 81 6.39 -18.64 6.12
CA SER B 81 5.81 -19.38 5.00
C SER B 81 6.37 -18.87 3.66
N LYS B 82 6.51 -17.55 3.51
CA LYS B 82 7.04 -16.95 2.28
C LYS B 82 8.57 -17.10 2.27
N GLU B 83 9.18 -16.98 3.45
CA GLU B 83 10.60 -17.29 3.64
C GLU B 83 10.91 -18.70 3.11
N SER B 84 10.04 -19.67 3.41
CA SER B 84 10.24 -21.06 2.98
C SER B 84 10.30 -21.15 1.45
N LEU B 85 9.39 -20.44 0.77
CA LEU B 85 9.33 -20.43 -0.71
C LEU B 85 10.61 -19.82 -1.29
N GLN B 86 11.11 -18.76 -0.67
CA GLN B 86 12.32 -18.05 -1.11
C GLN B 86 13.57 -18.90 -0.85
N VAL B 87 13.62 -19.51 0.34
CA VAL B 87 14.77 -20.31 0.73
C VAL B 87 14.87 -21.56 -0.16
N MET B 88 13.73 -22.22 -0.40
CA MET B 88 13.69 -23.40 -1.30
C MET B 88 14.23 -23.05 -2.69
N LEU B 89 13.85 -21.89 -3.24
CA LEU B 89 14.38 -21.44 -4.51
C LEU B 89 15.91 -21.30 -4.43
N TYR B 90 16.41 -20.69 -3.35
CA TYR B 90 17.84 -20.42 -3.20
C TYR B 90 18.63 -21.71 -3.02
N ALA B 91 18.00 -22.74 -2.44
CA ALA B 91 18.62 -24.04 -2.30
C ALA B 91 18.94 -24.62 -3.68
N HIS B 92 17.98 -24.55 -4.62
CA HIS B 92 18.21 -25.01 -6.00
C HIS B 92 19.25 -24.12 -6.68
N ALA B 93 19.14 -22.81 -6.49
CA ALA B 93 20.03 -21.81 -7.10
C ALA B 93 21.49 -22.07 -6.72
N ILE B 94 21.74 -22.25 -5.41
CA ILE B 94 23.13 -22.42 -4.91
C ILE B 94 23.69 -23.79 -5.32
N ALA B 95 22.81 -24.76 -5.58
CA ALA B 95 23.20 -26.10 -6.03
C ALA B 95 23.58 -26.09 -7.52
N GLY B 96 23.26 -25.00 -8.22
CA GLY B 96 23.62 -24.82 -9.62
C GLY B 96 22.54 -25.28 -10.59
N SER B 97 21.29 -25.42 -10.11
CA SER B 97 20.13 -25.75 -10.96
C SER B 97 20.05 -24.74 -12.12
N ALA B 98 20.00 -25.25 -13.35
CA ALA B 98 19.88 -24.42 -14.53
C ALA B 98 18.50 -23.76 -14.57
N ASP B 99 17.46 -24.49 -14.12
CA ASP B 99 16.09 -23.96 -14.07
C ASP B 99 16.00 -22.81 -13.03
N ALA B 100 16.62 -22.99 -11.87
CA ALA B 100 16.64 -21.94 -10.84
C ALA B 100 17.41 -20.71 -11.35
N ALA B 101 18.45 -20.93 -12.16
CA ALA B 101 19.25 -19.84 -12.74
C ALA B 101 18.41 -19.07 -13.79
N ARG B 102 17.59 -19.79 -14.54
CA ARG B 102 16.66 -19.18 -15.51
C ARG B 102 15.77 -18.15 -14.79
N PHE B 103 15.33 -18.51 -13.57
CA PHE B 103 14.56 -17.63 -12.69
C PHE B 103 15.43 -16.50 -12.14
N LEU B 104 16.57 -16.85 -11.53
CA LEU B 104 17.34 -15.88 -10.73
C LEU B 104 18.19 -14.96 -11.59
N SER B 105 18.70 -15.47 -12.71
CA SER B 105 19.83 -14.85 -13.40
C SER B 105 19.90 -15.37 -14.84
N PRO B 106 18.82 -15.20 -15.63
CA PRO B 106 18.70 -15.89 -16.92
C PRO B 106 19.83 -15.53 -17.90
N ASN B 107 20.23 -14.26 -17.90
CA ASN B 107 21.18 -13.76 -18.87
C ASN B 107 22.60 -14.02 -18.38
N ASN B 108 22.76 -14.40 -17.11
CA ASN B 108 24.05 -14.80 -16.56
C ASN B 108 23.87 -15.92 -15.54
N PRO B 109 23.63 -17.17 -15.99
CA PRO B 109 23.28 -18.28 -15.09
C PRO B 109 24.33 -18.58 -14.00
N SER B 110 25.60 -18.41 -14.34
CA SER B 110 26.70 -18.76 -13.44
C SER B 110 26.66 -17.89 -12.17
N ALA B 111 26.01 -16.73 -12.25
CA ALA B 111 25.90 -15.79 -11.13
C ALA B 111 24.81 -16.22 -10.11
N ALA B 112 23.90 -17.13 -10.50
CA ALA B 112 22.72 -17.49 -9.68
C ALA B 112 23.13 -17.99 -8.29
N PRO B 113 24.17 -18.85 -8.16
CA PRO B 113 24.60 -19.32 -6.85
C PRO B 113 25.06 -18.22 -5.88
N GLY B 114 25.90 -17.31 -6.39
CA GLY B 114 26.41 -16.18 -5.63
C GLY B 114 25.31 -15.23 -5.19
N ILE B 115 24.28 -15.07 -6.05
CA ILE B 115 23.12 -14.23 -5.72
C ILE B 115 22.39 -14.86 -4.52
N ALA B 116 22.09 -16.16 -4.61
CA ALA B 116 21.44 -16.89 -3.53
C ALA B 116 22.28 -16.77 -2.24
N ALA B 117 23.59 -17.04 -2.35
CA ALA B 117 24.50 -17.02 -1.21
C ALA B 117 24.47 -15.65 -0.51
N SER B 118 24.47 -14.58 -1.30
CA SER B 118 24.57 -13.21 -0.79
C SER B 118 23.29 -12.82 -0.04
N ILE B 119 22.12 -13.13 -0.61
CA ILE B 119 20.87 -12.77 0.00
C ILE B 119 20.69 -13.59 1.29
N MET B 120 21.05 -14.86 1.25
CA MET B 120 20.90 -15.74 2.41
C MET B 120 21.83 -15.30 3.56
N ASP B 121 22.97 -14.72 3.21
CA ASP B 121 23.90 -14.22 4.18
C ASP B 121 23.27 -12.99 4.86
N THR B 122 22.81 -12.04 4.03
CA THR B 122 22.15 -10.82 4.52
C THR B 122 20.94 -11.22 5.37
N LYS B 123 20.16 -12.17 4.88
CA LYS B 123 18.96 -12.66 5.53
C LYS B 123 19.29 -13.20 6.93
N LEU B 124 20.34 -14.03 7.03
CA LEU B 124 20.67 -14.63 8.33
C LEU B 124 20.94 -13.52 9.35
N GLN B 125 21.72 -12.50 8.94
CA GLN B 125 22.06 -11.39 9.82
C GLN B 125 20.78 -10.77 10.41
N THR B 126 19.78 -10.56 9.54
CA THR B 126 18.50 -9.98 9.92
C THR B 126 17.78 -10.90 10.93
N TYR B 127 17.76 -12.21 10.63
CA TYR B 127 17.17 -13.21 11.53
C TYR B 127 17.79 -13.10 12.93
N LEU B 128 19.11 -12.92 12.99
CA LEU B 128 19.87 -12.92 14.24
C LEU B 128 19.64 -11.61 15.01
N ARG B 129 19.52 -10.48 14.31
CA ARG B 129 19.18 -9.19 14.96
C ARG B 129 17.78 -9.28 15.56
N PHE B 130 16.86 -9.93 14.84
CA PHE B 130 15.48 -10.09 15.32
C PHE B 130 15.47 -10.92 16.60
N ASN B 131 16.23 -12.03 16.61
CA ASN B 131 16.32 -12.95 17.74
C ASN B 131 16.81 -12.20 18.99
N GLU B 132 17.83 -11.35 18.79
CA GLU B 132 18.44 -10.58 19.87
C GLU B 132 17.45 -9.59 20.49
N THR B 133 16.68 -8.88 19.65
CA THR B 133 15.72 -7.89 20.09
C THR B 133 14.47 -8.58 20.66
N TYR B 134 14.07 -9.69 20.04
CA TYR B 134 12.85 -10.42 20.46
C TYR B 134 13.22 -11.87 20.79
N PRO B 135 13.97 -12.12 21.89
CA PRO B 135 14.43 -13.47 22.22
C PRO B 135 13.29 -14.44 22.60
N GLY B 136 12.14 -13.89 23.01
CA GLY B 136 10.95 -14.66 23.41
C GLY B 136 10.40 -15.57 22.31
N PHE B 137 10.68 -15.23 21.05
CA PHE B 137 10.24 -16.06 19.92
C PHE B 137 11.04 -17.36 19.82
N GLY B 138 12.18 -17.43 20.54
CA GLY B 138 13.00 -18.62 20.63
C GLY B 138 13.55 -19.05 19.27
N GLY B 139 13.84 -18.08 18.40
CA GLY B 139 14.45 -18.32 17.09
C GLY B 139 13.44 -18.51 15.96
N PHE B 140 12.15 -18.56 16.31
CA PHE B 140 11.05 -18.66 15.33
C PHE B 140 10.63 -17.26 14.91
N LEU B 141 9.88 -17.19 13.80
CA LEU B 141 9.43 -15.91 13.26
C LEU B 141 7.90 -15.82 13.34
N PRO B 142 7.36 -14.68 13.82
CA PRO B 142 5.94 -14.38 13.68
C PRO B 142 5.69 -13.82 12.28
N TRP B 143 4.46 -13.35 12.02
CA TRP B 143 4.25 -12.40 10.93
C TRP B 143 5.00 -11.10 11.26
N PHE B 144 5.78 -10.60 10.31
CA PHE B 144 6.72 -9.52 10.58
C PHE B 144 6.60 -8.43 9.49
N THR B 145 7.01 -7.21 9.86
CA THR B 145 7.17 -6.09 8.95
C THR B 145 8.64 -6.05 8.50
N SER B 146 8.88 -6.09 7.19
CA SER B 146 10.24 -6.24 6.64
C SER B 146 10.67 -5.02 5.82
N SER B 147 9.87 -3.94 5.87
CA SER B 147 10.11 -2.70 5.13
C SER B 147 11.26 -1.87 5.71
N SER B 148 11.62 -2.07 6.98
CA SER B 148 12.78 -1.38 7.57
C SER B 148 13.92 -2.38 7.77
N GLN B 149 15.12 -1.87 8.06
CA GLN B 149 16.33 -2.71 8.06
C GLN B 149 16.17 -3.84 9.10
N ASP B 150 15.61 -3.53 10.26
CA ASP B 150 15.35 -4.50 11.31
C ASP B 150 13.89 -4.96 11.25
N LEU B 151 13.69 -6.26 11.46
CA LEU B 151 12.35 -6.87 11.55
C LEU B 151 11.66 -6.44 12.85
N THR B 152 10.35 -6.24 12.74
CA THR B 152 9.45 -6.14 13.89
C THR B 152 8.26 -7.05 13.66
N PRO B 153 7.65 -7.63 14.72
CA PRO B 153 6.37 -8.30 14.55
C PRO B 153 5.38 -7.27 14.00
N THR B 154 4.45 -7.70 13.13
CA THR B 154 3.29 -6.87 12.82
C THR B 154 2.54 -6.68 14.12
N TRP B 155 1.73 -5.62 14.22
CA TRP B 155 1.10 -5.29 15.49
C TRP B 155 0.29 -6.49 15.99
N ASP B 156 -0.46 -7.08 15.06
CA ASP B 156 -1.32 -8.23 15.29
C ASP B 156 -0.55 -9.43 15.84
N TRP B 157 0.77 -9.50 15.60
CA TRP B 157 1.54 -10.70 15.89
C TRP B 157 2.61 -10.46 16.96
N ASN B 158 2.50 -9.35 17.70
CA ASN B 158 3.29 -9.17 18.90
C ASN B 158 2.93 -10.34 19.85
N ASN B 159 3.96 -11.04 20.35
CA ASN B 159 3.77 -12.09 21.37
C ASN B 159 2.89 -13.24 20.85
N ARG B 160 2.91 -13.49 19.55
CA ARG B 160 2.17 -14.60 18.94
C ARG B 160 3.07 -15.23 17.88
N VAL B 161 3.12 -16.56 17.81
CA VAL B 161 3.98 -17.22 16.85
C VAL B 161 3.29 -18.47 16.32
N PRO B 162 3.25 -18.65 14.97
CA PRO B 162 2.55 -19.76 14.33
C PRO B 162 3.49 -20.92 14.03
N GLY B 163 3.08 -22.12 14.43
CA GLY B 163 3.84 -23.33 14.19
C GLY B 163 3.93 -23.68 12.72
N LEU B 164 2.83 -23.50 11.96
CA LEU B 164 2.72 -24.01 10.60
C LEU B 164 3.77 -23.35 9.70
N ASP B 165 3.81 -22.01 9.70
CA ASP B 165 4.69 -21.24 8.84
C ASP B 165 6.14 -21.57 9.16
N ASN B 166 6.46 -21.74 10.45
CA ASN B 166 7.83 -22.02 10.89
C ASN B 166 8.25 -23.43 10.46
N GLY B 167 7.32 -24.39 10.53
CA GLY B 167 7.61 -25.76 10.07
C GLY B 167 8.08 -25.79 8.63
N GLU B 168 7.45 -24.94 7.80
CA GLU B 168 7.78 -24.78 6.38
C GLU B 168 9.19 -24.20 6.23
N LEU B 169 9.50 -23.14 6.99
CA LEU B 169 10.79 -22.47 6.91
C LEU B 169 11.91 -23.42 7.32
N LEU B 170 11.69 -24.19 8.38
CA LEU B 170 12.75 -25.01 8.97
C LEU B 170 13.25 -26.06 7.98
N TRP B 171 12.33 -26.77 7.31
CA TRP B 171 12.77 -27.79 6.36
C TRP B 171 13.36 -27.15 5.10
N ALA B 172 12.93 -25.92 4.78
CA ALA B 172 13.52 -25.20 3.64
C ALA B 172 15.00 -24.92 3.93
N VAL B 173 15.28 -24.45 5.15
CA VAL B 173 16.64 -24.11 5.59
C VAL B 173 17.50 -25.38 5.62
N TYR B 174 16.89 -26.47 6.12
CA TYR B 174 17.49 -27.82 6.15
C TYR B 174 17.98 -28.20 4.74
N ALA B 175 17.11 -28.00 3.74
CA ALA B 175 17.44 -28.27 2.34
C ALA B 175 18.58 -27.38 1.86
N PHE B 176 18.49 -26.08 2.22
CA PHE B 176 19.44 -25.10 1.76
C PHE B 176 20.84 -25.44 2.27
N ILE B 177 20.92 -25.80 3.56
CA ILE B 177 22.19 -26.20 4.19
C ILE B 177 22.83 -27.34 3.38
N GLN B 178 22.03 -28.36 3.05
CA GLN B 178 22.49 -29.50 2.29
C GLN B 178 23.01 -29.06 0.92
N ALA B 179 22.21 -28.23 0.21
CA ALA B 179 22.57 -27.80 -1.13
C ALA B 179 23.90 -27.04 -1.11
N ALA B 180 24.06 -26.15 -0.12
CA ALA B 180 25.25 -25.29 0.00
C ALA B 180 26.48 -26.16 0.28
N GLU B 181 26.31 -27.19 1.10
CA GLU B 181 27.41 -28.07 1.48
C GLU B 181 27.77 -28.98 0.29
N ASN B 182 26.79 -29.33 -0.56
CA ASN B 182 27.00 -30.20 -1.71
C ASN B 182 27.89 -29.53 -2.77
N THR B 183 28.09 -28.21 -2.70
CA THR B 183 28.88 -27.47 -3.68
C THR B 183 30.39 -27.64 -3.44
N SER B 184 30.78 -27.98 -2.21
CA SER B 184 32.19 -28.02 -1.78
C SER B 184 32.85 -26.62 -1.83
N ASN B 185 32.07 -25.56 -2.04
CA ASN B 185 32.58 -24.19 -2.09
C ASN B 185 32.71 -23.70 -0.64
N LYS B 186 33.91 -23.23 -0.27
CA LYS B 186 34.25 -23.05 1.15
C LYS B 186 33.37 -21.97 1.79
N SER B 187 33.14 -20.86 1.06
CA SER B 187 32.33 -19.77 1.59
C SER B 187 30.84 -20.20 1.67
N PHE B 188 30.37 -21.03 0.72
CA PHE B 188 29.01 -21.57 0.77
C PHE B 188 28.84 -22.50 1.97
N ILE B 189 29.86 -23.30 2.31
CA ILE B 189 29.81 -24.23 3.46
C ILE B 189 29.80 -23.42 4.76
N ASP B 190 30.64 -22.38 4.82
CA ASP B 190 30.70 -21.45 5.96
C ASP B 190 29.30 -20.84 6.19
N LEU B 191 28.66 -20.34 5.11
CA LEU B 191 27.29 -19.81 5.15
C LEU B 191 26.32 -20.88 5.69
N ALA B 192 26.45 -22.12 5.18
CA ALA B 192 25.58 -23.24 5.54
C ALA B 192 25.67 -23.51 7.06
N LYS B 193 26.88 -23.44 7.62
CA LYS B 193 27.13 -23.77 9.03
C LYS B 193 26.53 -22.69 9.94
N LYS B 194 26.55 -21.43 9.49
CA LYS B 194 25.91 -20.35 10.23
C LYS B 194 24.39 -20.57 10.24
N TRP B 195 23.82 -21.02 9.11
CA TRP B 195 22.39 -21.36 9.03
C TRP B 195 22.08 -22.58 9.90
N GLN B 196 23.02 -23.53 9.99
CA GLN B 196 22.84 -24.75 10.81
C GLN B 196 22.70 -24.32 12.30
N THR B 197 23.51 -23.36 12.72
CA THR B 197 23.46 -22.78 14.07
C THR B 197 22.07 -22.19 14.36
N TRP B 198 21.55 -21.42 13.40
CA TRP B 198 20.22 -20.82 13.56
C TRP B 198 19.18 -21.95 13.69
N MET B 199 19.24 -22.88 12.74
CA MET B 199 18.27 -23.96 12.65
C MET B 199 18.33 -24.82 13.91
N ASP B 200 19.56 -25.10 14.37
CA ASP B 200 19.79 -25.96 15.54
C ASP B 200 19.23 -25.30 16.81
N TYR B 201 19.27 -23.97 16.89
CA TYR B 201 18.77 -23.28 18.08
C TYR B 201 17.26 -23.55 18.23
N THR B 202 16.51 -23.57 17.11
CA THR B 202 15.05 -23.79 17.17
C THR B 202 14.73 -25.17 17.76
N LYS B 203 15.66 -26.12 17.61
CA LYS B 203 15.46 -27.48 18.10
C LYS B 203 15.36 -27.49 19.63
N THR B 204 16.06 -26.54 20.27
CA THR B 204 16.18 -26.47 21.72
C THR B 204 14.97 -25.76 22.34
N THR B 205 14.24 -24.96 21.56
CA THR B 205 13.12 -24.14 22.08
C THR B 205 11.74 -24.69 21.67
N ALA B 206 11.72 -25.56 20.64
CA ALA B 206 10.49 -25.91 19.90
C ALA B 206 9.43 -26.52 20.83
N ALA B 207 9.81 -27.54 21.61
CA ALA B 207 8.88 -28.22 22.50
C ALA B 207 8.35 -27.25 23.58
N HIS B 208 9.27 -26.52 24.23
CA HIS B 208 8.89 -25.57 25.30
C HIS B 208 7.89 -24.52 24.76
N ILE B 209 8.06 -24.11 23.51
CA ILE B 209 7.20 -23.07 22.94
C ILE B 209 5.89 -23.68 22.38
N PHE B 210 5.95 -24.84 21.71
CA PHE B 210 4.79 -25.29 20.90
C PHE B 210 4.13 -26.57 21.42
N TYR B 211 4.83 -27.38 22.22
CA TYR B 211 4.27 -28.68 22.64
C TYR B 211 3.56 -28.54 23.99
N GLN B 212 2.23 -28.62 23.97
CA GLN B 212 1.40 -28.49 25.17
C GLN B 212 1.39 -29.80 25.96
N GLY B 213 1.53 -30.92 25.26
CA GLY B 213 1.52 -32.25 25.86
C GLY B 213 0.36 -33.08 25.35
N GLU B 214 0.50 -34.40 25.47
CA GLU B 214 -0.50 -35.38 25.06
C GLU B 214 -0.79 -35.25 23.56
N GLY B 215 0.26 -34.99 22.78
CA GLY B 215 0.18 -34.93 21.32
C GLY B 215 -0.38 -33.62 20.79
N LYS B 216 -0.60 -32.62 21.67
CA LYS B 216 -1.19 -31.36 21.29
C LYS B 216 -0.08 -30.35 21.02
N VAL B 217 -0.09 -29.77 19.81
CA VAL B 217 0.89 -28.77 19.37
C VAL B 217 0.13 -27.49 19.00
N CYS B 218 0.55 -26.34 19.55
CA CYS B 218 -0.15 -25.07 19.31
C CYS B 218 -0.05 -24.69 17.82
N ALA B 219 -1.20 -24.38 17.22
CA ALA B 219 -1.23 -23.71 15.90
C ALA B 219 -0.55 -22.34 16.03
N VAL B 220 -0.94 -21.60 17.07
CA VAL B 220 -0.37 -20.32 17.45
C VAL B 220 -0.07 -20.34 18.96
N THR B 221 1.18 -20.07 19.33
CA THR B 221 1.57 -19.92 20.71
C THR B 221 1.53 -18.44 21.11
N ASP B 222 0.94 -18.18 22.28
CA ASP B 222 0.92 -16.88 22.94
C ASP B 222 2.09 -16.82 23.93
N ILE B 223 2.93 -15.80 23.75
CA ILE B 223 4.14 -15.56 24.51
C ILE B 223 3.84 -14.47 25.53
N LYS B 224 4.19 -14.67 26.80
CA LYS B 224 3.90 -13.67 27.83
C LYS B 224 4.49 -12.33 27.40
N ASN B 225 5.78 -12.33 27.04
CA ASN B 225 6.47 -11.12 26.64
C ASN B 225 7.69 -11.47 25.77
N GLN B 226 7.60 -11.06 24.50
CA GLN B 226 8.56 -11.37 23.43
C GLN B 226 9.95 -10.78 23.72
N SER B 227 10.02 -9.78 24.59
CA SER B 227 11.29 -9.15 24.98
C SER B 227 12.02 -10.00 26.02
N LEU B 228 11.33 -10.94 26.67
CA LEU B 228 11.96 -11.82 27.66
C LEU B 228 12.57 -13.04 26.97
N PRO B 229 13.80 -13.44 27.34
CA PRO B 229 14.35 -14.74 26.92
C PRO B 229 13.39 -15.91 27.19
N VAL B 230 13.61 -17.01 26.46
CA VAL B 230 12.71 -18.16 26.45
C VAL B 230 12.55 -18.68 27.89
N TYR B 231 13.67 -18.71 28.64
CA TYR B 231 13.71 -19.31 29.98
C TYR B 231 13.93 -18.24 31.07
N HIS B 232 13.52 -17.00 30.79
CA HIS B 232 13.41 -15.98 31.82
C HIS B 232 12.35 -16.44 32.81
N PRO B 233 12.55 -16.26 34.14
CA PRO B 233 11.65 -16.83 35.14
C PRO B 233 10.17 -16.42 34.99
N GLU B 234 9.92 -15.31 34.29
CA GLU B 234 8.59 -14.76 34.12
C GLU B 234 7.97 -15.17 32.77
N GLN B 235 8.79 -15.64 31.83
CA GLN B 235 8.29 -16.00 30.48
C GLN B 235 7.32 -17.19 30.61
N THR B 236 6.24 -17.15 29.84
CA THR B 236 5.34 -18.30 29.69
C THR B 236 4.89 -18.41 28.23
N TYR B 237 4.51 -19.64 27.85
CA TYR B 237 3.97 -19.96 26.53
C TYR B 237 2.68 -20.73 26.72
N ALA B 238 1.63 -20.36 25.99
CA ALA B 238 0.37 -21.11 25.99
C ALA B 238 -0.20 -21.14 24.58
N CYS B 239 -0.88 -22.24 24.24
CA CYS B 239 -1.57 -22.33 22.96
C CYS B 239 -2.67 -21.27 22.94
N GLU B 240 -2.83 -20.62 21.79
CA GLU B 240 -3.88 -19.69 21.58
C GLU B 240 -5.17 -20.48 21.34
N GLY B 241 -6.11 -20.39 22.27
CA GLY B 241 -7.36 -21.11 22.21
C GLY B 241 -7.12 -22.62 22.15
N THR B 242 -7.87 -23.27 21.26
CA THR B 242 -7.98 -24.72 21.22
C THR B 242 -7.56 -25.24 19.83
N SER B 243 -6.86 -24.40 19.05
CA SER B 243 -6.37 -24.74 17.70
C SER B 243 -5.02 -25.45 17.79
N TYR B 244 -4.96 -26.69 17.29
CA TYR B 244 -3.74 -27.48 17.32
C TYR B 244 -3.35 -27.91 15.90
N LEU B 245 -2.04 -28.04 15.67
CA LEU B 245 -1.51 -28.68 14.48
C LEU B 245 -1.75 -30.18 14.60
N ASN B 246 -2.92 -30.64 14.12
CA ASN B 246 -3.33 -32.03 14.34
C ASN B 246 -3.89 -32.66 13.05
N ASP B 247 -3.48 -32.13 11.90
CA ASP B 247 -4.03 -32.60 10.62
C ASP B 247 -2.91 -32.91 9.63
N PRO B 248 -3.22 -33.53 8.47
CA PRO B 248 -2.20 -33.91 7.50
C PRO B 248 -1.76 -32.82 6.50
N TYR B 249 -2.10 -31.56 6.76
CA TYR B 249 -1.77 -30.44 5.86
C TYR B 249 -0.42 -29.86 6.28
N GLN B 250 -0.19 -28.56 6.05
CA GLN B 250 1.17 -28.02 6.04
C GLN B 250 1.80 -28.12 7.43
N GLY B 251 0.96 -28.09 8.46
CA GLY B 251 1.39 -28.11 9.85
C GLY B 251 2.10 -29.40 10.25
N GLU B 252 1.98 -30.44 9.43
CA GLU B 252 2.63 -31.71 9.67
C GLU B 252 4.15 -31.57 9.63
N LEU B 253 4.66 -30.60 8.86
CA LEU B 253 6.10 -30.35 8.80
C LEU B 253 6.62 -30.04 10.21
N PHE B 254 5.81 -29.34 11.01
CA PHE B 254 6.25 -28.93 12.31
C PHE B 254 6.24 -30.14 13.27
N THR B 255 5.26 -31.02 13.12
CA THR B 255 5.17 -32.27 13.88
C THR B 255 6.51 -33.01 13.79
N TRP B 256 7.03 -33.15 12.55
CA TRP B 256 8.29 -33.83 12.29
C TRP B 256 9.44 -33.12 13.02
N TRP B 257 9.40 -31.79 13.07
CA TRP B 257 10.44 -31.00 13.74
C TRP B 257 10.51 -31.41 15.23
N LEU B 258 9.34 -31.47 15.89
CA LEU B 258 9.23 -31.88 17.28
C LEU B 258 9.73 -33.32 17.44
N GLN B 259 9.28 -34.23 16.59
CA GLN B 259 9.62 -35.65 16.73
C GLN B 259 11.15 -35.84 16.63
N PHE B 260 11.78 -35.30 15.59
CA PHE B 260 13.17 -35.59 15.32
C PHE B 260 14.10 -34.79 16.25
N PHE B 261 13.73 -33.55 16.60
CA PHE B 261 14.67 -32.62 17.23
C PHE B 261 14.17 -32.00 18.53
N GLY B 262 12.93 -32.27 18.92
CA GLY B 262 12.28 -31.54 20.00
C GLY B 262 12.67 -32.04 21.39
N GLY B 263 13.21 -33.27 21.47
CA GLY B 263 13.57 -33.92 22.71
C GLY B 263 12.37 -34.56 23.38
N LEU B 264 11.39 -34.99 22.59
CA LEU B 264 10.19 -35.65 23.12
C LEU B 264 10.52 -37.11 23.46
N SER B 265 9.82 -37.65 24.45
CA SER B 265 9.83 -39.08 24.78
C SER B 265 9.15 -39.88 23.66
N ASP B 266 9.31 -41.20 23.69
CA ASP B 266 8.66 -42.10 22.74
C ASP B 266 7.13 -42.06 22.93
N ALA B 267 6.70 -41.95 24.19
CA ALA B 267 5.29 -41.84 24.49
C ALA B 267 4.70 -40.57 23.87
N ASP B 268 5.48 -39.48 23.87
CA ASP B 268 5.05 -38.18 23.35
C ASP B 268 4.97 -38.22 21.82
N ILE B 269 5.99 -38.83 21.19
CA ILE B 269 6.02 -39.03 19.74
C ILE B 269 4.78 -39.86 19.34
N GLU B 270 4.54 -40.96 20.03
CA GLU B 270 3.38 -41.81 19.75
C GLU B 270 2.10 -40.98 19.90
N ALA B 271 2.06 -40.12 20.93
CA ALA B 271 0.88 -39.26 21.18
C ALA B 271 0.65 -38.26 20.03
N LEU B 272 1.74 -37.74 19.44
CA LEU B 272 1.64 -36.83 18.29
C LEU B 272 0.78 -37.46 17.20
N TRP B 273 1.10 -38.71 16.84
CA TRP B 273 0.49 -39.37 15.69
C TRP B 273 -0.92 -39.86 16.03
N GLU B 274 -1.13 -40.21 17.30
CA GLU B 274 -2.38 -40.68 17.81
C GLU B 274 -3.41 -39.55 17.76
N TYR B 275 -3.00 -38.38 18.26
CA TYR B 275 -3.84 -37.21 18.31
C TYR B 275 -4.15 -36.70 16.89
N LYS B 276 -3.24 -36.95 15.95
CA LYS B 276 -3.40 -36.54 14.54
C LYS B 276 -4.34 -37.48 13.78
N ARG B 277 -4.44 -38.73 14.23
CA ARG B 277 -4.96 -39.85 13.42
C ARG B 277 -6.38 -39.58 12.95
N PRO B 278 -7.29 -39.06 13.82
CA PRO B 278 -8.67 -38.80 13.41
C PRO B 278 -8.87 -37.77 12.28
N GLN B 279 -7.83 -36.98 11.97
CA GLN B 279 -7.91 -35.96 10.89
C GLN B 279 -7.38 -36.52 9.56
N LEU B 280 -6.82 -37.74 9.58
CA LEU B 280 -6.36 -38.43 8.38
C LEU B 280 -7.47 -39.38 7.90
N VAL B 281 -8.16 -39.00 6.84
CA VAL B 281 -9.44 -39.61 6.45
C VAL B 281 -9.44 -39.90 4.94
N SER B 282 -10.00 -41.05 4.58
CA SER B 282 -10.23 -41.45 3.19
C SER B 282 -11.67 -41.09 2.79
N VAL B 283 -11.81 -40.40 1.66
CA VAL B 283 -13.13 -40.14 1.06
C VAL B 283 -12.99 -40.28 -0.46
N ASP B 284 -14.11 -40.56 -1.11
CA ASP B 284 -14.15 -40.76 -2.53
C ASP B 284 -14.77 -39.51 -3.19
N TYR B 285 -14.01 -38.88 -4.08
CA TYR B 285 -14.58 -37.88 -4.98
C TYR B 285 -15.43 -38.58 -6.06
N HIS B 286 -16.68 -38.13 -6.22
CA HIS B 286 -17.57 -38.70 -7.22
C HIS B 286 -18.67 -37.70 -7.57
N ILE B 287 -18.52 -37.05 -8.73
CA ILE B 287 -19.48 -36.10 -9.26
C ILE B 287 -19.64 -36.38 -10.76
N GLY B 288 -20.91 -36.46 -11.20
CA GLY B 288 -21.25 -36.87 -12.54
C GLY B 288 -20.53 -38.16 -12.90
N ASN B 289 -19.83 -38.11 -14.04
CA ASN B 289 -19.17 -39.27 -14.62
C ASN B 289 -17.70 -39.34 -14.20
N VAL B 290 -17.29 -38.54 -13.21
CA VAL B 290 -15.91 -38.52 -12.70
C VAL B 290 -15.87 -39.20 -11.35
N GLY B 291 -15.21 -40.36 -11.30
CA GLY B 291 -14.93 -41.09 -10.06
C GLY B 291 -15.74 -42.38 -9.97
N PRO B 292 -15.74 -43.07 -8.81
CA PRO B 292 -15.12 -42.54 -7.59
C PRO B 292 -13.58 -42.53 -7.63
N ILE B 293 -12.99 -41.48 -7.03
CA ILE B 293 -11.55 -41.37 -6.84
C ILE B 293 -11.28 -41.20 -5.33
N THR B 294 -10.57 -42.15 -4.74
CA THR B 294 -10.24 -42.10 -3.31
C THR B 294 -9.14 -41.06 -3.09
N VAL B 295 -9.40 -40.11 -2.19
CA VAL B 295 -8.42 -39.07 -1.84
C VAL B 295 -8.34 -38.95 -0.31
N GLN B 296 -7.23 -38.35 0.13
CA GLN B 296 -7.12 -37.78 1.46
C GLN B 296 -8.11 -36.61 1.59
N LYS B 297 -9.01 -36.70 2.56
CA LYS B 297 -9.95 -35.63 2.80
C LYS B 297 -9.18 -34.35 3.13
N GLY B 298 -9.56 -33.26 2.48
CA GLY B 298 -8.92 -31.96 2.63
C GLY B 298 -9.59 -31.12 3.70
N TYR B 299 -8.98 -29.98 4.01
CA TYR B 299 -9.63 -28.99 4.86
C TYR B 299 -10.66 -28.23 4.01
N TRP B 300 -10.18 -27.55 2.97
CA TRP B 300 -11.02 -27.08 1.85
C TRP B 300 -10.76 -27.92 0.59
N PHE B 301 -9.67 -28.70 0.60
CA PHE B 301 -9.02 -29.26 -0.60
C PHE B 301 -8.53 -28.11 -1.50
N SER B 302 -8.11 -27.01 -0.86
CA SER B 302 -7.25 -26.01 -1.46
C SER B 302 -5.92 -26.67 -1.77
N SER B 303 -5.33 -26.32 -2.92
CA SER B 303 -4.05 -26.86 -3.36
C SER B 303 -2.95 -26.63 -2.32
N HIS B 304 -3.01 -25.49 -1.61
CA HIS B 304 -1.94 -25.07 -0.70
C HIS B 304 -1.78 -26.07 0.46
N GLU B 305 -2.84 -26.83 0.77
CA GLU B 305 -2.86 -27.83 1.85
C GLU B 305 -1.85 -28.96 1.63
N THR B 306 -1.34 -29.12 0.40
CA THR B 306 -0.45 -30.20 -0.05
C THR B 306 1.04 -29.77 0.03
N TRP B 307 1.27 -28.53 0.49
CA TRP B 307 2.60 -27.87 0.63
C TRP B 307 3.69 -28.81 1.16
N LYS B 308 3.36 -29.68 2.13
CA LYS B 308 4.37 -30.48 2.84
C LYS B 308 5.19 -31.37 1.89
N VAL B 309 4.57 -31.83 0.79
CA VAL B 309 5.24 -32.76 -0.13
C VAL B 309 6.38 -32.04 -0.89
N LEU B 310 6.36 -30.70 -0.90
CA LEU B 310 7.46 -29.91 -1.49
C LEU B 310 8.74 -30.01 -0.65
N GLU B 311 8.60 -30.34 0.64
CA GLU B 311 9.69 -30.10 1.61
C GLU B 311 10.26 -31.42 2.19
N MET B 312 9.47 -32.49 2.21
CA MET B 312 9.93 -33.77 2.76
C MET B 312 9.55 -34.88 1.79
N PRO B 313 10.32 -36.00 1.74
CA PRO B 313 10.12 -37.03 0.73
C PRO B 313 8.92 -37.97 0.96
N TYR B 314 7.71 -37.39 1.04
CA TYR B 314 6.47 -38.13 1.18
C TYR B 314 6.29 -39.09 -0.02
N TYR B 315 6.78 -38.67 -1.20
CA TYR B 315 6.53 -39.39 -2.44
C TYR B 315 7.55 -40.53 -2.67
N ASP B 316 8.48 -40.74 -1.72
CA ASP B 316 9.27 -41.96 -1.64
C ASP B 316 8.37 -43.13 -1.23
N ILE B 317 7.20 -42.85 -0.63
CA ILE B 317 6.27 -43.89 -0.16
C ILE B 317 5.14 -44.05 -1.18
N ASP B 318 5.05 -45.25 -1.77
CA ASP B 318 4.19 -45.53 -2.93
C ASP B 318 2.73 -45.27 -2.57
N ILE B 319 2.27 -45.76 -1.42
CA ILE B 319 0.87 -45.57 -1.05
C ILE B 319 0.58 -44.06 -0.99
N ILE B 320 1.55 -43.28 -0.48
CA ILE B 320 1.36 -41.84 -0.32
C ILE B 320 1.35 -41.19 -1.71
N ARG B 321 2.31 -41.61 -2.55
CA ARG B 321 2.42 -41.14 -3.91
C ARG B 321 1.11 -41.40 -4.67
N ARG B 322 0.52 -42.58 -4.48
CA ARG B 322 -0.71 -42.98 -5.18
C ARG B 322 -1.91 -42.16 -4.68
N VAL B 323 -1.99 -41.94 -3.36
CA VAL B 323 -3.09 -41.17 -2.77
C VAL B 323 -3.03 -39.71 -3.28
N PHE B 324 -1.83 -39.17 -3.42
CA PHE B 324 -1.66 -37.76 -3.80
C PHE B 324 -1.78 -37.60 -5.34
N GLN B 325 -1.46 -38.67 -6.09
CA GLN B 325 -1.72 -38.70 -7.53
C GLN B 325 -3.23 -38.64 -7.75
N ASN B 326 -3.99 -39.43 -6.98
CA ASN B 326 -5.46 -39.44 -7.04
C ASN B 326 -6.01 -38.02 -6.79
N ALA B 327 -5.42 -37.29 -5.84
CA ALA B 327 -5.82 -35.91 -5.53
C ALA B 327 -5.90 -35.10 -6.83
N GLU B 328 -4.90 -35.27 -7.70
CA GLU B 328 -4.75 -34.49 -8.91
C GLU B 328 -5.70 -35.00 -10.00
N ARG B 329 -6.02 -36.30 -9.98
CA ARG B 329 -7.10 -36.84 -10.81
C ARG B 329 -8.41 -36.09 -10.47
N ALA B 330 -8.69 -35.99 -9.17
CA ALA B 330 -9.90 -35.35 -8.69
C ALA B 330 -9.85 -33.84 -8.97
N ARG B 331 -8.70 -33.22 -8.73
CA ARG B 331 -8.57 -31.75 -8.81
C ARG B 331 -8.81 -31.30 -10.26
N THR B 332 -8.12 -31.94 -11.21
CA THR B 332 -8.23 -31.56 -12.62
C THR B 332 -9.66 -31.87 -13.13
N CYS B 333 -10.12 -33.09 -12.90
CA CYS B 333 -11.37 -33.57 -13.49
C CYS B 333 -12.57 -32.90 -12.81
N ASN B 334 -12.44 -32.50 -11.54
CA ASN B 334 -13.47 -31.74 -10.85
C ASN B 334 -13.78 -30.45 -11.63
N SER B 335 -12.73 -29.78 -12.13
CA SER B 335 -12.92 -28.49 -12.78
C SER B 335 -13.53 -28.68 -14.18
N VAL B 336 -13.24 -29.80 -14.84
CA VAL B 336 -13.86 -30.11 -16.12
C VAL B 336 -15.35 -30.39 -15.92
N VAL B 337 -15.69 -31.27 -14.96
CA VAL B 337 -17.06 -31.68 -14.77
C VAL B 337 -17.91 -30.50 -14.24
N THR B 338 -17.31 -29.58 -13.45
CA THR B 338 -18.05 -28.42 -12.94
C THR B 338 -17.84 -27.20 -13.85
N GLN B 339 -17.08 -27.37 -14.94
CA GLN B 339 -16.95 -26.42 -16.04
C GLN B 339 -16.26 -25.14 -15.55
N VAL B 340 -15.11 -25.29 -14.89
CA VAL B 340 -14.32 -24.18 -14.38
C VAL B 340 -13.03 -24.10 -15.20
N PRO B 341 -12.66 -22.91 -15.72
CA PRO B 341 -11.44 -22.77 -16.53
C PRO B 341 -10.14 -22.66 -15.72
N GLY B 342 -10.17 -23.17 -14.48
CA GLY B 342 -9.02 -23.19 -13.60
C GLY B 342 -9.27 -24.14 -12.44
N MET B 343 -8.41 -24.04 -11.42
CA MET B 343 -8.56 -24.81 -10.20
C MET B 343 -8.38 -23.87 -8.99
N PHE B 344 -8.69 -24.38 -7.80
CA PHE B 344 -8.95 -23.57 -6.62
C PHE B 344 -7.87 -23.73 -5.54
N ALA B 345 -7.56 -22.61 -4.89
CA ALA B 345 -6.73 -22.57 -3.71
C ALA B 345 -6.96 -21.24 -2.96
N SER B 346 -6.62 -21.24 -1.67
CA SER B 346 -6.71 -20.05 -0.85
C SER B 346 -5.93 -18.92 -1.55
N ILE B 347 -6.57 -17.76 -1.68
CA ILE B 347 -6.06 -16.71 -2.59
C ILE B 347 -6.67 -15.35 -2.24
N ASN B 348 -5.93 -14.29 -2.59
CA ASN B 348 -6.43 -12.93 -2.54
C ASN B 348 -7.57 -12.78 -3.58
N ASN B 349 -8.60 -12.03 -3.16
CA ASN B 349 -9.75 -11.66 -3.97
C ASN B 349 -9.34 -10.58 -4.98
N VAL B 350 -10.27 -10.26 -5.89
CA VAL B 350 -10.06 -9.27 -6.95
C VAL B 350 -9.73 -7.89 -6.37
N THR B 351 -9.05 -7.08 -7.20
CA THR B 351 -8.85 -5.68 -6.96
C THR B 351 -10.10 -4.91 -7.37
N ASP B 352 -10.49 -3.96 -6.53
CA ASP B 352 -11.45 -2.93 -6.86
C ASP B 352 -10.72 -1.88 -7.71
N PRO B 353 -11.01 -1.82 -9.03
CA PRO B 353 -10.26 -0.90 -9.91
C PRO B 353 -10.33 0.57 -9.46
N ALA B 354 -11.40 0.94 -8.74
CA ALA B 354 -11.64 2.33 -8.30
C ALA B 354 -10.69 2.74 -7.16
N THR B 355 -10.35 1.78 -6.29
CA THR B 355 -9.51 2.05 -5.10
C THR B 355 -8.08 1.57 -5.31
N GLY B 356 -7.90 0.51 -6.11
CA GLY B 356 -6.60 -0.17 -6.24
C GLY B 356 -6.35 -1.16 -5.10
N ASP B 357 -7.36 -1.39 -4.25
CA ASP B 357 -7.26 -2.29 -3.10
C ASP B 357 -7.90 -3.64 -3.44
N VAL B 358 -7.26 -4.70 -2.93
CA VAL B 358 -7.82 -6.03 -2.92
C VAL B 358 -9.01 -6.04 -1.96
N VAL B 359 -10.14 -6.67 -2.35
CA VAL B 359 -11.37 -6.57 -1.56
C VAL B 359 -11.32 -7.51 -0.34
N GLY B 360 -10.44 -8.51 -0.35
CA GLY B 360 -10.28 -9.43 0.80
C GLY B 360 -9.48 -10.66 0.42
N TYR B 361 -9.35 -11.58 1.38
CA TYR B 361 -8.68 -12.88 1.17
C TYR B 361 -9.74 -13.99 1.21
N ILE B 362 -9.72 -14.87 0.19
CA ILE B 362 -10.60 -16.03 0.08
C ILE B 362 -9.84 -17.27 0.55
N SER B 363 -10.08 -17.67 1.81
CA SER B 363 -9.47 -18.86 2.41
C SER B 363 -10.10 -20.15 1.85
N ASN B 364 -11.44 -20.14 1.74
CA ASN B 364 -12.25 -21.36 1.61
C ASN B 364 -12.54 -21.65 0.14
N ALA B 365 -11.48 -21.85 -0.65
CA ALA B 365 -11.58 -22.14 -2.06
C ALA B 365 -10.90 -23.48 -2.36
N GLY B 366 -11.72 -24.50 -2.65
CA GLY B 366 -11.23 -25.83 -2.95
C GLY B 366 -12.28 -26.70 -3.62
N ILE B 367 -12.52 -27.88 -3.04
CA ILE B 367 -13.43 -28.88 -3.57
C ILE B 367 -14.29 -29.40 -2.42
N PRO B 368 -15.48 -28.80 -2.21
CA PRO B 368 -16.29 -29.05 -1.02
C PRO B 368 -16.62 -30.51 -0.70
N SER B 369 -16.89 -31.32 -1.72
CA SER B 369 -17.39 -32.69 -1.53
C SER B 369 -16.32 -33.60 -0.94
N ILE B 370 -15.04 -33.18 -0.97
CA ILE B 370 -13.95 -33.96 -0.42
C ILE B 370 -13.18 -33.11 0.61
N ALA B 371 -13.92 -32.27 1.35
CA ALA B 371 -13.34 -31.28 2.24
C ALA B 371 -14.09 -31.31 3.59
N ASN B 372 -13.33 -31.06 4.66
CA ASN B 372 -13.88 -30.88 5.99
C ASN B 372 -14.85 -29.70 5.99
N GLN B 373 -14.42 -28.59 5.35
CA GLN B 373 -15.14 -27.33 5.30
C GLN B 373 -15.88 -27.21 3.96
N THR B 374 -17.21 -27.41 4.00
CA THR B 374 -18.02 -27.47 2.81
C THR B 374 -18.55 -26.08 2.43
N ILE B 375 -18.47 -25.10 3.34
CA ILE B 375 -18.84 -23.71 2.99
C ILE B 375 -17.65 -23.06 2.28
N GLN B 376 -17.77 -22.89 0.96
CA GLN B 376 -16.67 -22.48 0.10
C GLN B 376 -17.14 -21.38 -0.86
N GLU B 377 -16.20 -20.49 -1.21
CA GLU B 377 -16.34 -19.51 -2.25
C GLU B 377 -15.52 -19.97 -3.45
N LEU B 378 -16.20 -20.15 -4.59
CA LEU B 378 -15.62 -20.77 -5.79
C LEU B 378 -15.73 -19.84 -6.99
N ASP B 379 -15.76 -18.52 -6.77
CA ASP B 379 -15.91 -17.58 -7.89
C ASP B 379 -14.54 -17.11 -8.40
N VAL B 380 -13.46 -17.44 -7.70
CA VAL B 380 -12.10 -16.98 -8.04
C VAL B 380 -11.14 -18.19 -8.09
N ILE B 381 -10.31 -18.22 -9.15
CA ILE B 381 -9.36 -19.30 -9.47
C ILE B 381 -7.96 -18.69 -9.57
N THR B 382 -6.92 -19.52 -9.43
CA THR B 382 -5.56 -19.02 -9.35
C THR B 382 -4.59 -19.99 -10.01
N PRO B 383 -3.58 -19.48 -10.76
CA PRO B 383 -2.57 -20.34 -11.37
C PRO B 383 -1.85 -21.29 -10.40
N TYR B 384 -1.61 -20.86 -9.15
CA TYR B 384 -0.79 -21.66 -8.21
C TYR B 384 -1.55 -22.92 -7.76
N SER B 385 -2.85 -23.00 -8.06
CA SER B 385 -3.64 -24.21 -7.82
C SER B 385 -3.01 -25.43 -8.53
N VAL B 386 -2.18 -25.19 -9.55
CA VAL B 386 -1.59 -26.27 -10.36
C VAL B 386 -0.36 -26.87 -9.68
N PHE B 387 0.17 -26.27 -8.60
CA PHE B 387 1.51 -26.70 -8.11
C PHE B 387 1.53 -28.18 -7.76
N PRO B 388 0.49 -28.76 -7.11
CA PRO B 388 0.50 -30.20 -6.78
C PRO B 388 0.38 -31.09 -8.03
N THR B 389 -0.30 -30.58 -9.07
CA THR B 389 -0.42 -31.27 -10.34
C THR B 389 0.95 -31.35 -11.04
N VAL B 390 1.69 -30.23 -10.99
CA VAL B 390 2.99 -30.10 -11.66
C VAL B 390 3.93 -31.21 -11.20
N LEU B 391 3.87 -31.57 -9.92
CA LEU B 391 4.75 -32.59 -9.31
C LEU B 391 4.53 -33.95 -9.97
N PHE B 392 3.29 -34.24 -10.41
CA PHE B 392 2.96 -35.51 -11.03
C PHE B 392 3.08 -35.44 -12.55
N ASP B 393 2.73 -34.30 -13.15
CA ASP B 393 2.68 -34.16 -14.61
C ASP B 393 2.84 -32.68 -14.98
N LYS B 394 4.07 -32.28 -15.34
CA LYS B 394 4.43 -30.92 -15.69
C LYS B 394 3.53 -30.36 -16.81
N GLY B 395 3.29 -31.19 -17.83
CA GLY B 395 2.51 -30.81 -18.98
C GLY B 395 1.08 -30.45 -18.60
N VAL B 396 0.41 -31.35 -17.88
CA VAL B 396 -0.98 -31.12 -17.47
C VAL B 396 -1.03 -29.89 -16.55
N GLY B 397 -0.11 -29.86 -15.57
CA GLY B 397 0.04 -28.71 -14.67
C GLY B 397 0.13 -27.40 -15.43
N MET B 398 1.00 -27.38 -16.45
CA MET B 398 1.28 -26.16 -17.21
C MET B 398 0.13 -25.85 -18.18
N ALA B 399 -0.61 -26.88 -18.62
CA ALA B 399 -1.79 -26.66 -19.47
C ALA B 399 -2.84 -25.86 -18.68
N TRP B 400 -3.01 -26.24 -17.40
CA TRP B 400 -3.98 -25.57 -16.53
C TRP B 400 -3.50 -24.15 -16.19
N TRP B 401 -2.20 -24.03 -15.89
CA TRP B 401 -1.53 -22.75 -15.65
C TRP B 401 -1.78 -21.79 -16.83
N ARG B 402 -1.58 -22.29 -18.06
CA ARG B 402 -1.74 -21.53 -19.30
C ARG B 402 -3.21 -21.08 -19.43
N ASN B 403 -4.15 -22.01 -19.22
CA ASN B 403 -5.58 -21.71 -19.37
C ASN B 403 -5.96 -20.50 -18.50
N MET B 404 -5.40 -20.44 -17.29
CA MET B 404 -5.68 -19.34 -16.37
C MET B 404 -4.88 -18.09 -16.78
N ALA B 405 -3.63 -18.27 -17.22
CA ALA B 405 -2.72 -17.17 -17.58
C ALA B 405 -3.18 -16.45 -18.85
N ILE B 406 -3.92 -17.15 -19.73
CA ILE B 406 -4.51 -16.59 -20.97
C ILE B 406 -5.56 -15.53 -20.62
N GLY B 407 -6.26 -15.71 -19.49
CA GLY B 407 -7.27 -14.73 -19.03
C GLY B 407 -6.73 -13.31 -19.09
N LYS B 408 -7.63 -12.35 -19.30
CA LYS B 408 -7.24 -10.96 -19.38
C LYS B 408 -6.56 -10.56 -18.07
N LYS B 409 -5.38 -9.93 -18.21
CA LYS B 409 -4.57 -9.36 -17.14
C LYS B 409 -3.88 -10.44 -16.31
N MET B 410 -3.84 -11.70 -16.78
CA MET B 410 -3.36 -12.79 -15.92
C MET B 410 -1.87 -13.07 -16.15
N GLN B 411 -1.23 -12.31 -17.03
CA GLN B 411 0.23 -12.19 -17.10
C GLN B 411 0.63 -10.72 -16.95
N ASN B 412 1.85 -10.51 -16.45
CA ASN B 412 2.41 -9.20 -16.22
C ASN B 412 3.94 -9.31 -16.36
N ILE B 413 4.62 -8.16 -16.26
CA ILE B 413 6.08 -8.09 -16.41
C ILE B 413 6.78 -8.73 -15.21
N TYR B 414 6.01 -9.25 -14.24
CA TYR B 414 6.61 -10.04 -13.15
C TYR B 414 6.10 -11.49 -13.17
N GLY B 415 5.54 -11.93 -14.31
CA GLY B 415 5.03 -13.31 -14.48
C GLY B 415 3.52 -13.39 -14.32
N SER B 416 3.03 -14.48 -13.72
CA SER B 416 1.59 -14.70 -13.52
C SER B 416 1.01 -13.67 -12.53
N THR B 417 -0.28 -13.38 -12.71
CA THR B 417 -1.05 -12.54 -11.80
C THR B 417 -1.71 -13.43 -10.75
N GLU B 418 -1.99 -12.84 -9.57
CA GLU B 418 -2.50 -13.53 -8.39
C GLU B 418 -3.69 -14.44 -8.73
N SER B 419 -4.76 -13.87 -9.29
CA SER B 419 -6.01 -14.59 -9.48
C SER B 419 -6.96 -13.85 -10.41
N THR B 420 -7.95 -14.59 -10.92
CA THR B 420 -9.03 -14.06 -11.74
C THR B 420 -10.34 -14.69 -11.28
N ARG B 421 -11.43 -13.93 -11.38
CA ARG B 421 -12.76 -14.51 -11.33
C ARG B 421 -12.86 -15.50 -12.48
N ARG B 422 -13.55 -16.63 -12.25
CA ARG B 422 -13.70 -17.65 -13.28
C ARG B 422 -14.64 -17.18 -14.39
N ASP B 423 -15.42 -16.12 -14.12
CA ASP B 423 -16.30 -15.49 -15.13
C ASP B 423 -15.57 -14.33 -15.83
N GLY B 424 -14.33 -14.05 -15.44
CA GLY B 424 -13.46 -13.08 -16.12
C GLY B 424 -13.90 -11.62 -15.98
N THR B 425 -14.68 -11.31 -14.93
CA THR B 425 -15.18 -9.94 -14.72
C THR B 425 -14.29 -9.17 -13.75
N GLY B 426 -13.33 -9.85 -13.12
CA GLY B 426 -12.42 -9.23 -12.15
C GLY B 426 -11.13 -10.01 -11.98
N VAL B 427 -10.08 -9.31 -11.56
CA VAL B 427 -8.75 -9.84 -11.38
C VAL B 427 -8.18 -9.27 -10.08
N SER B 428 -7.38 -10.07 -9.36
CA SER B 428 -6.56 -9.58 -8.27
C SER B 428 -5.25 -9.04 -8.86
N ALA B 429 -5.14 -7.70 -8.93
CA ALA B 429 -3.98 -7.04 -9.52
C ALA B 429 -2.84 -7.01 -8.50
N LEU B 430 -2.25 -8.20 -8.28
CA LEU B 430 -1.40 -8.47 -7.15
C LEU B 430 -0.41 -9.58 -7.52
N LEU B 431 0.75 -9.55 -6.85
CA LEU B 431 1.77 -10.58 -6.89
C LEU B 431 2.07 -11.04 -5.45
N THR B 432 2.12 -12.36 -5.21
CA THR B 432 2.60 -12.91 -3.94
C THR B 432 3.48 -14.13 -4.19
N TRP B 433 4.37 -14.41 -3.24
CA TRP B 433 5.16 -15.66 -3.24
C TRP B 433 4.21 -16.86 -3.31
N ASP B 434 3.15 -16.81 -2.50
CA ASP B 434 2.17 -17.90 -2.36
C ASP B 434 1.57 -18.27 -3.73
N SER B 435 1.19 -17.26 -4.54
CA SER B 435 0.46 -17.50 -5.80
C SER B 435 1.39 -17.71 -7.00
N LYS B 436 2.71 -17.59 -6.82
CA LYS B 436 3.64 -17.57 -7.96
C LYS B 436 4.81 -18.53 -7.75
N VAL B 437 5.50 -18.42 -6.62
CA VAL B 437 6.75 -19.14 -6.39
C VAL B 437 6.47 -20.52 -5.76
N SER B 438 5.23 -20.76 -5.32
CA SER B 438 4.80 -22.11 -4.99
C SER B 438 4.93 -23.01 -6.24
N THR B 439 4.43 -22.50 -7.37
CA THR B 439 4.50 -23.14 -8.65
C THR B 439 5.96 -23.28 -9.11
N VAL B 440 6.76 -22.23 -8.92
CA VAL B 440 8.16 -22.28 -9.34
C VAL B 440 8.86 -23.44 -8.62
N ASN B 441 8.64 -23.55 -7.30
CA ASN B 441 9.27 -24.59 -6.49
C ASN B 441 8.78 -25.98 -6.94
N ALA B 442 7.50 -26.12 -7.31
CA ALA B 442 6.97 -27.38 -7.83
C ALA B 442 7.69 -27.74 -9.14
N ILE B 443 7.88 -26.74 -10.00
CA ILE B 443 8.58 -26.93 -11.28
C ILE B 443 10.00 -27.45 -11.02
N LEU B 444 10.66 -26.99 -9.94
CA LEU B 444 12.05 -27.37 -9.59
C LEU B 444 12.09 -28.72 -8.85
N GLY B 445 10.92 -29.31 -8.62
CA GLY B 445 10.77 -30.66 -8.08
C GLY B 445 10.72 -30.70 -6.56
N GLY B 446 10.42 -29.56 -5.92
CA GLY B 446 10.49 -29.43 -4.47
C GLY B 446 11.92 -29.56 -3.98
N VAL B 447 12.10 -29.62 -2.66
CA VAL B 447 13.43 -29.77 -2.05
C VAL B 447 13.53 -31.11 -1.32
N SER B 448 12.56 -32.00 -1.52
CA SER B 448 12.51 -33.31 -0.85
C SER B 448 13.77 -34.14 -1.11
N GLY B 449 14.31 -34.04 -2.34
CA GLY B 449 15.58 -34.68 -2.68
C GLY B 449 16.69 -34.28 -1.72
N LEU B 450 16.92 -32.97 -1.62
CA LEU B 450 17.94 -32.42 -0.74
C LEU B 450 17.68 -32.85 0.70
N VAL B 451 16.41 -32.82 1.12
CA VAL B 451 16.05 -33.08 2.49
C VAL B 451 16.32 -34.56 2.82
N SER B 452 15.89 -35.45 1.93
CA SER B 452 16.10 -36.89 2.16
C SER B 452 17.59 -37.22 2.21
N GLN B 453 18.43 -36.50 1.46
CA GLN B 453 19.88 -36.71 1.54
C GLN B 453 20.36 -36.47 2.98
N LYS B 454 20.01 -35.31 3.52
CA LYS B 454 20.47 -34.88 4.84
C LYS B 454 19.82 -35.75 5.92
N MET B 455 18.56 -36.15 5.70
CA MET B 455 17.85 -37.03 6.64
C MET B 455 18.56 -38.38 6.72
N LYS B 456 19.00 -38.91 5.57
CA LYS B 456 19.70 -40.19 5.54
C LYS B 456 21.03 -40.05 6.27
N ALA B 457 21.75 -38.95 6.00
CA ALA B 457 23.03 -38.69 6.64
C ALA B 457 22.88 -38.53 8.17
N GLU B 458 21.72 -38.04 8.63
CA GLU B 458 21.46 -37.83 10.06
C GLU B 458 20.62 -38.98 10.62
N ASN B 459 20.38 -39.99 9.78
CA ASN B 459 19.78 -41.24 10.17
C ASN B 459 18.36 -41.04 10.75
N ILE B 460 17.57 -40.14 10.16
CA ILE B 460 16.16 -40.01 10.52
C ILE B 460 15.26 -40.38 9.32
N TYR B 461 15.86 -40.69 8.16
CA TYR B 461 15.10 -41.03 6.96
C TYR B 461 14.24 -42.27 7.20
N ASN B 462 14.85 -43.35 7.69
CA ASN B 462 14.16 -44.63 7.91
C ASN B 462 12.99 -44.46 8.87
N THR B 463 13.13 -43.60 9.89
CA THR B 463 12.06 -43.33 10.86
C THR B 463 10.89 -42.64 10.17
N PHE B 464 11.20 -41.67 9.31
CA PHE B 464 10.19 -40.95 8.52
C PHE B 464 9.36 -41.96 7.72
N VAL B 465 10.04 -42.80 6.95
CA VAL B 465 9.37 -43.76 6.03
C VAL B 465 8.45 -44.69 6.83
N GLU B 466 9.02 -45.32 7.86
CA GLU B 466 8.31 -46.31 8.68
C GLU B 466 7.02 -45.71 9.25
N ARG B 467 7.16 -44.55 9.89
CA ARG B 467 6.07 -43.90 10.57
C ARG B 467 5.00 -43.48 9.55
N ILE B 468 5.42 -42.80 8.47
CA ILE B 468 4.46 -42.12 7.60
C ILE B 468 3.81 -43.17 6.68
N GLU B 469 4.55 -44.22 6.32
CA GLU B 469 3.97 -45.33 5.55
C GLU B 469 2.93 -46.05 6.41
N ALA B 470 3.24 -46.24 7.70
CA ALA B 470 2.31 -46.89 8.62
C ALA B 470 1.01 -46.10 8.70
N GLU B 471 1.10 -44.79 8.96
CA GLU B 471 -0.09 -43.97 9.17
C GLU B 471 -0.95 -43.99 7.90
N TYR B 472 -0.31 -43.78 6.74
CA TYR B 472 -1.05 -43.68 5.47
C TYR B 472 -1.58 -45.07 5.06
N SER B 473 -0.76 -46.14 5.16
CA SER B 473 -1.20 -47.48 4.75
C SER B 473 -2.37 -47.96 5.62
N ARG B 474 -2.49 -47.41 6.83
CA ARG B 474 -3.53 -47.82 7.77
C ARG B 474 -4.90 -47.25 7.38
N VAL B 475 -4.97 -46.08 6.75
CA VAL B 475 -6.30 -45.53 6.43
C VAL B 475 -6.61 -45.66 4.92
N PHE B 476 -5.60 -45.71 4.05
CA PHE B 476 -5.83 -45.73 2.60
C PHE B 476 -5.63 -47.14 2.05
N LYS B 477 -6.73 -47.89 1.99
CA LYS B 477 -6.74 -49.22 1.36
C LYS B 477 -7.82 -49.23 0.28
N ASN B 478 -7.67 -50.11 -0.71
CA ASN B 478 -8.69 -50.34 -1.72
C ASN B 478 -9.00 -49.02 -2.44
N LEU B 479 -7.94 -48.28 -2.83
CA LEU B 479 -8.09 -47.00 -3.54
C LEU B 479 -8.96 -47.22 -4.77
N LYS B 480 -9.87 -46.27 -5.01
CA LYS B 480 -10.66 -46.24 -6.23
C LYS B 480 -10.12 -45.15 -7.15
N GLY B 481 -10.26 -45.40 -8.46
CA GLY B 481 -10.15 -44.38 -9.46
C GLY B 481 -8.72 -44.12 -9.91
N GLU B 482 -7.83 -45.08 -9.69
CA GLU B 482 -6.43 -44.91 -10.08
C GLU B 482 -6.27 -45.02 -11.61
N HIS B 483 -7.33 -45.47 -12.27
CA HIS B 483 -7.36 -45.61 -13.72
C HIS B 483 -7.83 -44.30 -14.36
N VAL B 484 -8.43 -43.39 -13.57
CA VAL B 484 -8.96 -42.12 -14.11
C VAL B 484 -7.78 -41.23 -14.52
N PRO B 485 -7.60 -40.94 -15.84
CA PRO B 485 -6.54 -40.03 -16.28
C PRO B 485 -6.74 -38.59 -15.78
N PHE B 486 -5.64 -37.85 -15.67
CA PHE B 486 -5.72 -36.41 -15.42
C PHE B 486 -6.55 -35.78 -16.55
N CYS B 487 -7.32 -34.76 -16.21
CA CYS B 487 -8.13 -34.04 -17.19
C CYS B 487 -7.41 -32.75 -17.61
N LEU B 488 -7.66 -32.33 -18.86
CA LEU B 488 -7.15 -31.09 -19.42
C LEU B 488 -8.26 -30.05 -19.39
N PRO B 489 -7.92 -28.74 -19.38
CA PRO B 489 -8.91 -27.67 -19.37
C PRO B 489 -9.85 -27.76 -20.59
N GLN B 490 -11.15 -27.60 -20.35
CA GLN B 490 -12.18 -27.67 -21.38
C GLN B 490 -12.86 -26.32 -21.62
N GLU B 491 -12.81 -25.41 -20.65
N GLU B 491 -12.77 -25.41 -20.64
CA GLU B 491 -13.38 -24.07 -20.77
CA GLU B 491 -13.39 -24.08 -20.70
C GLU B 491 -12.27 -23.04 -20.60
C GLU B 491 -12.28 -23.03 -20.57
N THR B 492 -12.43 -21.90 -21.28
CA THR B 492 -11.52 -20.76 -21.17
C THR B 492 -12.13 -19.74 -20.19
N VAL B 493 -11.28 -18.87 -19.67
CA VAL B 493 -11.71 -17.71 -18.89
C VAL B 493 -12.42 -16.76 -19.85
N PRO B 494 -13.72 -16.43 -19.64
CA PRO B 494 -14.42 -15.49 -20.51
C PRO B 494 -13.72 -14.12 -20.59
N ASP B 495 -13.73 -13.52 -21.79
CA ASP B 495 -13.31 -12.14 -21.98
C ASP B 495 -14.57 -11.27 -21.90
N THR B 496 -14.67 -10.47 -20.83
CA THR B 496 -15.85 -9.67 -20.57
C THR B 496 -15.55 -8.18 -20.79
N GLY B 497 -14.35 -7.88 -21.29
CA GLY B 497 -13.95 -6.49 -21.59
C GLY B 497 -12.77 -5.99 -20.76
N LEU B 498 -12.26 -6.78 -19.81
CA LEU B 498 -11.00 -6.42 -19.13
C LEU B 498 -9.90 -6.29 -20.18
N VAL B 499 -8.98 -5.36 -19.94
CA VAL B 499 -7.93 -5.01 -20.89
C VAL B 499 -6.60 -5.42 -20.27
N ASP B 500 -5.78 -6.14 -21.06
CA ASP B 500 -4.45 -6.55 -20.62
C ASP B 500 -3.68 -5.33 -20.08
N PHE B 501 -2.80 -5.58 -19.12
CA PHE B 501 -1.90 -4.52 -18.65
C PHE B 501 -1.15 -3.97 -19.86
N THR B 502 -0.90 -2.65 -19.87
CA THR B 502 -0.33 -1.99 -21.03
C THR B 502 1.15 -2.34 -21.18
N THR B 503 1.79 -2.85 -20.13
CA THR B 503 3.22 -3.28 -20.21
C THR B 503 3.34 -4.76 -20.58
N CYS B 504 2.22 -5.49 -20.69
CA CYS B 504 2.22 -6.96 -20.93
C CYS B 504 0.97 -7.38 -21.71
N ASN B 505 1.01 -7.27 -23.05
CA ASN B 505 -0.17 -7.50 -23.90
C ASN B 505 0.24 -8.04 -25.28
C2 BGC C . -14.61 19.30 -3.20
C3 BGC C . -14.23 19.94 -1.85
C4 BGC C . -14.93 21.27 -1.75
C5 BGC C . -16.45 21.06 -1.86
C6 BGC C . -17.21 22.38 -1.79
C1 BGC C . -16.14 19.12 -3.19
O1 BGC C . -16.63 18.46 -4.38
O2 BGC C . -13.86 18.08 -3.35
O3 BGC C . -12.81 20.11 -1.79
O4 BGC C . -14.55 21.94 -0.56
O5 BGC C . -16.77 20.41 -3.10
O6 BGC C . -16.83 23.16 -2.93
C2 BGC C . -11.56 17.41 -4.07
C3 BGC C . -10.70 17.28 -5.30
C4 BGC C . -11.39 16.41 -6.33
C5 BGC C . -12.83 16.81 -6.63
C6 BGC C . -13.53 15.58 -7.18
C1 BGC C . -12.92 18.04 -4.46
O2 BGC C . -10.81 18.21 -3.13
O3 BGC C . -9.40 16.73 -4.98
O4 BGC C . -10.65 16.45 -7.56
O5 BGC C . -13.57 17.27 -5.49
O6 BGC C . -14.68 15.96 -7.92
C2 BGC C . -9.70 16.36 -1.88
C3 BGC C . -8.26 16.58 -1.43
C4 BGC C . -7.79 17.89 -2.06
C5 BGC C . -8.55 19.07 -1.45
C6 BGC C . -8.60 20.26 -2.42
C1 BGC C . -10.54 17.66 -1.83
O2 BGC C . -10.22 15.33 -1.05
O3 BGC C . -7.56 15.43 -1.90
O4 BGC C . -6.38 18.12 -1.88
O5 BGC C . -9.88 18.68 -1.05
O6 BGC C . -8.31 21.49 -1.77
C2 BGC C . -11.09 13.07 -1.18
C3 BGC C . -12.30 12.23 -1.57
C4 BGC C . -13.62 12.95 -1.25
C5 BGC C . -13.62 14.39 -1.80
C6 BGC C . -14.87 15.20 -1.42
C1 BGC C . -11.22 14.53 -1.66
O2 BGC C . -9.92 12.47 -1.75
O3 BGC C . -12.22 10.98 -0.88
O4 BGC C . -14.72 12.24 -1.80
O5 BGC C . -12.48 15.07 -1.27
O6 BGC C . -14.76 15.55 -0.03
C2 BGC C . -8.33 10.69 -1.33
C3 BGC C . -7.33 10.17 -0.31
C4 BGC C . -6.32 11.26 0.07
C5 BGC C . -7.06 12.53 0.50
C6 BGC C . -6.11 13.69 0.80
C1 BGC C . -8.98 11.97 -0.80
O2 BGC C . -9.33 9.71 -1.58
O3 BGC C . -6.61 9.09 -0.90
O4 BGC C . -5.43 10.80 1.09
O5 BGC C . -7.95 12.94 -0.54
O6 BGC C . -5.22 13.89 -0.30
C2 BGC D . -6.43 -22.21 10.84
C3 BGC D . -6.24 -20.77 11.34
C4 BGC D . -7.51 -20.36 12.07
C5 BGC D . -7.74 -21.32 13.25
C6 BGC D . -8.93 -20.94 14.11
C1 BGC D . -6.79 -23.16 12.00
O1 BGC D . -7.16 -24.47 11.54
O2 BGC D . -5.22 -22.58 10.20
O3 BGC D . -5.95 -19.86 10.27
O4 BGC D . -7.36 -19.01 12.50
O5 BGC D . -7.92 -22.65 12.74
O6 BGC D . -10.08 -21.65 13.64
C2 BGC D . -4.11 -22.65 8.05
C3 BGC D . -4.23 -23.22 6.64
C4 BGC D . -4.41 -24.74 6.78
C5 BGC D . -5.69 -25.01 7.57
C6 BGC D . -5.81 -26.49 7.88
C1 BGC D . -5.39 -22.96 8.83
O2 BGC D . -3.85 -21.21 7.99
O3 BGC D . -3.05 -22.88 5.90
O4 BGC D . -4.47 -25.38 5.50
O5 BGC D . -5.69 -24.36 8.84
O6 BGC D . -4.75 -26.85 8.75
C2 BGC D . -1.87 -19.78 7.64
C3 BGC D . -0.63 -19.21 8.33
C4 BGC D . -0.99 -18.61 9.70
C5 BGC D . -1.65 -19.73 10.52
C6 BGC D . -2.01 -19.32 11.94
C1 BGC D . -2.59 -20.78 8.56
O2 BGC D . -1.44 -20.41 6.43
O3 BGC D . 0.08 -18.25 7.53
O4 BGC D . 0.20 -18.12 10.32
O5 BGC D . -2.82 -20.18 9.85
O6 BGC D . -2.98 -18.29 11.86
C2 BGC D . -1.64 -18.41 4.90
C3 BGC D . -0.61 -18.19 3.83
C4 BGC D . 0.53 -19.19 4.06
C5 BGC D . -0.01 -20.59 3.79
C6 BGC D . 0.85 -21.66 4.49
C1 BGC D . -1.95 -19.90 5.17
O2 BGC D . -2.76 -17.65 4.50
O3 BGC D . -0.24 -16.82 3.91
O4 BGC D . 1.64 -18.97 3.19
O5 BGC D . -1.41 -20.72 4.13
O6 BGC D . 1.14 -22.78 3.64
C2 BGC D . -4.10 -15.78 5.19
C3 BGC D . -5.12 -15.34 6.23
C4 BGC D . -6.13 -16.47 6.46
C5 BGC D . -5.40 -17.74 6.90
C6 BGC D . -6.35 -18.92 7.11
C1 BGC D . -3.50 -17.12 5.58
O2 BGC D . -3.05 -14.82 5.10
O3 BGC D . -5.73 -14.14 5.79
O4 BGC D . -7.10 -16.11 7.43
O5 BGC D . -4.50 -18.10 5.86
O6 BGC D . -6.90 -19.29 5.84
C2 BGC D . -2.63 -12.67 4.10
C3 BGC D . -2.48 -11.92 2.79
C4 BGC D . -1.45 -12.63 1.90
C5 BGC D . -1.85 -14.12 1.79
C6 BGC D . -0.92 -14.98 0.95
C1 BGC D . -2.97 -14.14 3.86
O2 BGC D . -3.57 -11.99 4.94
O3 BGC D . -2.07 -10.61 3.16
O4 BGC D . -1.39 -12.00 0.62
O5 BGC D . -1.93 -14.71 3.09
O6 BGC D . 0.44 -14.83 1.37
C2 BGC D . -3.36 -10.20 6.65
C3 BGC D . -2.63 -9.86 7.97
C4 BGC D . -2.68 -11.04 8.97
C5 BGC D . -2.20 -12.33 8.31
C6 BGC D . -2.23 -13.54 9.26
C1 BGC D . -2.89 -11.57 6.14
O2 BGC D . -3.18 -9.19 5.65
O3 BGC D . -3.21 -8.72 8.62
O4 BGC D . -1.87 -10.75 10.10
O5 BGC D . -3.02 -12.59 7.16
O6 BGC D . -3.55 -13.78 9.75
C1 NAG E . 0.65 19.80 -25.25
C2 NAG E . 1.59 20.94 -25.57
C3 NAG E . 1.08 21.80 -26.74
C4 NAG E . 0.81 20.96 -27.95
C5 NAG E . -0.21 19.92 -27.48
C6 NAG E . -0.83 19.08 -28.61
C7 NAG E . 2.88 22.19 -23.97
C8 NAG E . 2.89 23.12 -22.79
N2 NAG E . 1.70 21.80 -24.43
O3 NAG E . 2.04 22.77 -27.05
O4 NAG E . 0.37 21.77 -29.05
O5 NAG E . 0.41 19.11 -26.49
O6 NAG E . -0.06 17.92 -28.83
O7 NAG E . 3.92 21.83 -24.47
C1 NAG F . -9.27 6.51 -27.96
C2 NAG F . -9.90 5.19 -28.38
C3 NAG F . -8.79 4.17 -28.71
C4 NAG F . -7.77 4.78 -29.67
C5 NAG F . -7.29 6.13 -29.11
C6 NAG F . -6.23 6.81 -29.98
C7 NAG F . -12.14 4.65 -27.49
C8 NAG F . -12.94 4.08 -26.35
N2 NAG F . -10.80 4.67 -27.37
O3 NAG F . -9.37 3.00 -29.26
O4 NAG F . -6.65 3.95 -29.84
O5 NAG F . -8.42 6.97 -28.99
O6 NAG F . -6.65 6.74 -31.32
O7 NAG F . -12.74 5.07 -28.49
C1 NAG G . -14.38 6.12 10.65
C2 NAG G . -15.71 5.89 9.94
C3 NAG G . -16.82 5.69 10.99
C4 NAG G . -16.51 4.49 11.89
C5 NAG G . -15.12 4.75 12.48
C6 NAG G . -14.61 3.62 13.36
C7 NAG G . -15.61 6.93 7.70
C8 NAG G . -16.08 8.05 6.81
N2 NAG G . -16.05 6.93 8.97
O3 NAG G . -18.06 5.49 10.37
O4 NAG G . -17.51 4.29 12.88
O5 NAG G . -14.15 4.97 11.44
O6 NAG G . -13.40 4.06 13.93
O7 NAG G . -14.86 6.08 7.25
C1 NAG H . -26.79 24.66 0.23
C2 NAG H . -28.16 25.13 0.71
C3 NAG H . -29.15 25.04 -0.44
C4 NAG H . -28.63 25.81 -1.63
C5 NAG H . -27.30 25.21 -2.04
C6 NAG H . -26.71 25.87 -3.28
C7 NAG H . -28.35 24.62 3.09
C8 NAG H . -28.88 23.70 4.15
N2 NAG H . -28.62 24.32 1.83
O3 NAG H . -30.37 25.56 0.01
O4 NAG H . -29.55 25.74 -2.70
O5 NAG H . -26.40 25.34 -0.96
O6 NAG H . -26.67 27.27 -3.09
O7 NAG H . -27.71 25.61 3.40
C1 NAG I . 18.99 -16.11 20.11
C2 NAG I . 20.34 -16.77 19.91
C3 NAG I . 20.71 -17.58 21.14
C4 NAG I . 20.71 -16.67 22.35
C5 NAG I . 19.30 -16.13 22.45
C6 NAG I . 19.09 -15.30 23.72
C7 NAG I . 21.17 -17.67 17.82
C8 NAG I . 20.97 -18.64 16.70
N2 NAG I . 20.27 -17.65 18.78
O3 NAG I . 21.98 -18.12 20.92
O4 NAG I . 21.08 -17.40 23.49
O5 NAG I . 19.03 -15.34 21.30
O6 NAG I . 19.66 -14.03 23.52
O7 NAG I . 22.14 -16.92 17.80
C1 NAG J . 7.93 -6.70 28.33
C2 NAG J . 7.24 -5.62 29.15
C3 NAG J . 7.94 -4.26 28.99
C4 NAG J . 9.44 -4.38 29.26
C5 NAG J . 10.02 -5.58 28.49
C6 NAG J . 11.47 -5.82 28.93
C7 NAG J . 4.84 -5.93 29.55
C8 NAG J . 3.44 -5.78 29.04
N2 NAG J . 5.84 -5.51 28.77
O3 NAG J . 7.39 -3.36 29.90
O4 NAG J . 10.10 -3.23 28.78
O5 NAG J . 9.28 -6.76 28.72
O6 NAG J . 11.49 -5.92 30.34
O7 NAG J . 5.04 -6.42 30.67
C1 NAG K . -14.68 -11.34 -3.16
C2 NAG K . -15.51 -11.40 -1.91
C3 NAG K . -16.95 -11.67 -2.29
C4 NAG K . -17.49 -10.55 -3.15
C5 NAG K . -16.57 -10.43 -4.34
C6 NAG K . -16.97 -9.25 -5.23
C7 NAG K . -14.07 -12.14 -0.05
C8 NAG K . -13.72 -13.22 0.91
N2 NAG K . -15.03 -12.36 -0.94
O3 NAG K . -17.75 -11.80 -1.16
O4 NAG K . -18.81 -10.87 -3.53
O5 NAG K . -15.20 -10.28 -3.97
O6 NAG K . -16.10 -9.27 -6.34
O7 NAG K . -13.45 -11.08 0.00
C1 NAG L . -13.92 -31.84 10.40
C2 NAG L . -15.05 -32.86 10.57
C3 NAG L . -15.32 -33.06 12.05
C4 NAG L . -14.03 -33.48 12.75
C5 NAG L . -13.05 -32.33 12.56
C6 NAG L . -11.73 -32.53 13.30
C7 NAG L . -16.73 -32.90 8.75
C8 NAG L . -17.95 -32.29 8.13
N2 NAG L . -16.25 -32.38 9.89
O3 NAG L . -16.29 -34.07 12.17
O4 NAG L . -14.25 -33.83 14.11
O5 NAG L . -12.80 -32.23 11.16
O6 NAG L . -11.20 -33.80 12.94
O7 NAG L . -16.22 -33.85 8.20
C1 PEG M . 5.58 -23.26 -29.42
O1 PEG M . 6.55 -24.09 -30.08
C2 PEG M . 5.54 -21.87 -30.04
O2 PEG M . 6.35 -20.97 -29.28
C3 PEG M . 5.81 -19.65 -29.12
C4 PEG M . 6.92 -18.59 -29.07
O4 PEG M . 8.18 -19.16 -29.42
C1 PEG N . -21.27 -29.63 -10.65
O1 PEG N . -22.20 -29.19 -11.64
C2 PEG N . -21.95 -29.83 -9.30
O2 PEG N . -21.02 -29.56 -8.24
C3 PEG N . -20.96 -28.19 -7.84
C4 PEG N . -19.61 -27.87 -7.22
O4 PEG N . -19.14 -26.60 -7.67
#